data_6TQJ
#
_entry.id   6TQJ
#
_cell.length_a   93.136
_cell.length_b   96.336
_cell.length_c   158.684
_cell.angle_alpha   90.000
_cell.angle_beta   106.720
_cell.angle_gamma   90.000
#
_symmetry.space_group_name_H-M   'I 1 2 1'
#
loop_
_entity.id
_entity.type
_entity.pdbx_description
1 polymer 'ATP synthase subunit c, chloroplastic'
2 non-polymer EICOSANE
3 non-polymer '(2R)-2,3-dihydroxypropyl (9Z)-octadec-9-enoate'
4 water water
#
_entity_poly.entity_id   1
_entity_poly.type   'polypeptide(L)'
_entity_poly.pdbx_seq_one_letter_code
;MNPLIAAASVIAAGLAVGLASIGPGVGQGTAAGQAVEGIARQPEAEGKIRGTLLLSLAFMEALTIYGLVVALALLFANPF
V
;
_entity_poly.pdbx_strand_id   A,B,C,D,E,F,G,H,I,J,K,L,M,N
#
# COMPACT_ATOMS: atom_id res chain seq x y z
N MET A 1 5.88 14.72 32.61
CA MET A 1 4.76 14.49 33.58
C MET A 1 3.56 15.37 33.19
N ASN A 2 3.50 16.60 33.71
CA ASN A 2 2.42 17.58 33.37
C ASN A 2 2.53 17.94 31.89
N PRO A 3 3.76 18.15 31.37
CA PRO A 3 3.95 18.43 29.94
C PRO A 3 3.57 17.25 29.02
N LEU A 4 3.73 16.02 29.50
CA LEU A 4 3.49 14.78 28.69
C LEU A 4 2.04 14.72 28.23
N ILE A 5 1.08 15.07 29.09
CA ILE A 5 -0.38 15.01 28.77
C ILE A 5 -0.67 16.00 27.62
N ALA A 6 -0.20 17.24 27.75
CA ALA A 6 -0.36 18.31 26.74
C ALA A 6 0.33 17.88 25.44
N ALA A 7 1.55 17.34 25.54
CA ALA A 7 2.36 16.88 24.39
C ALA A 7 1.62 15.77 23.65
N ALA A 8 1.08 14.80 24.38
CA ALA A 8 0.30 13.67 23.83
C ALA A 8 -0.97 14.21 23.17
N SER A 9 -1.61 15.20 23.80
CA SER A 9 -2.91 15.80 23.36
C SER A 9 -2.75 16.45 21.99
N VAL A 10 -1.70 17.25 21.78
CA VAL A 10 -1.48 18.00 20.50
C VAL A 10 -1.16 16.99 19.39
N ILE A 11 -0.38 15.96 19.69
CA ILE A 11 -0.04 14.87 18.72
C ILE A 11 -1.34 14.16 18.33
N ALA A 12 -2.16 13.81 19.31
CA ALA A 12 -3.47 13.14 19.12
C ALA A 12 -4.35 13.99 18.20
N ALA A 13 -4.39 15.31 18.43
CA ALA A 13 -5.19 16.28 17.65
C ALA A 13 -4.75 16.27 16.18
N GLY A 14 -3.44 16.36 15.94
CA GLY A 14 -2.85 16.34 14.58
C GLY A 14 -3.22 15.07 13.84
N LEU A 15 -3.04 13.91 14.50
CA LEU A 15 -3.37 12.57 13.96
C LEU A 15 -4.87 12.49 13.65
N ALA A 16 -5.72 12.91 14.59
CA ALA A 16 -7.18 12.82 14.50
C ALA A 16 -7.67 13.49 13.21
N VAL A 17 -7.26 14.74 12.97
CA VAL A 17 -7.75 15.56 11.81
C VAL A 17 -7.03 15.12 10.54
N GLY A 18 -5.73 14.80 10.64
CA GLY A 18 -4.89 14.37 9.51
C GLY A 18 -5.40 13.08 8.87
N LEU A 19 -5.55 12.02 9.67
CA LEU A 19 -5.95 10.66 9.22
C LEU A 19 -7.41 10.66 8.74
N ALA A 20 -8.26 11.52 9.32
CA ALA A 20 -9.73 11.47 9.19
C ALA A 20 -10.19 11.88 7.78
N SER A 21 -9.30 12.47 6.98
CA SER A 21 -9.62 13.03 5.64
C SER A 21 -9.22 12.05 4.53
N ILE A 22 -8.46 11.01 4.85
CA ILE A 22 -7.87 10.07 3.84
C ILE A 22 -9.03 9.34 3.14
N GLY A 23 -9.85 8.61 3.90
CA GLY A 23 -10.99 7.83 3.35
C GLY A 23 -12.01 8.73 2.68
N PRO A 24 -12.63 9.67 3.44
CA PRO A 24 -13.64 10.57 2.89
C PRO A 24 -13.14 11.37 1.68
N GLY A 25 -11.87 11.74 1.68
CA GLY A 25 -11.21 12.42 0.53
C GLY A 25 -11.36 11.59 -0.74
N VAL A 26 -10.93 10.33 -0.70
CA VAL A 26 -10.98 9.39 -1.85
C VAL A 26 -12.45 9.14 -2.21
N GLY A 27 -13.29 8.89 -1.19
CA GLY A 27 -14.72 8.56 -1.35
C GLY A 27 -15.49 9.67 -2.05
N GLN A 28 -15.34 10.91 -1.59
CA GLN A 28 -16.06 12.09 -2.16
C GLN A 28 -15.70 12.22 -3.63
N GLY A 29 -14.43 12.00 -3.97
CA GLY A 29 -13.92 12.04 -5.36
C GLY A 29 -14.61 11.00 -6.23
N THR A 30 -14.70 9.76 -5.74
CA THR A 30 -15.36 8.63 -6.45
C THR A 30 -16.81 9.03 -6.76
N ALA A 31 -17.55 9.45 -5.73
CA ALA A 31 -18.98 9.85 -5.83
C ALA A 31 -19.12 11.00 -6.83
N ALA A 32 -18.35 12.07 -6.64
CA ALA A 32 -18.42 13.31 -7.46
C ALA A 32 -18.10 12.97 -8.93
N GLY A 33 -17.10 12.11 -9.15
CA GLY A 33 -16.67 11.69 -10.49
C GLY A 33 -17.79 11.00 -11.25
N GLN A 34 -18.49 10.06 -10.62
CA GLN A 34 -19.59 9.29 -11.25
CA GLN A 34 -19.59 9.29 -11.25
C GLN A 34 -20.80 10.20 -11.43
N ALA A 35 -20.96 11.19 -10.53
CA ALA A 35 -22.05 12.20 -10.59
C ALA A 35 -21.95 13.00 -11.89
N VAL A 36 -20.78 13.59 -12.18
CA VAL A 36 -20.56 14.47 -13.37
C VAL A 36 -20.60 13.60 -14.63
N GLU A 37 -20.11 12.36 -14.56
CA GLU A 37 -20.20 11.37 -15.66
C GLU A 37 -21.68 11.11 -15.97
N GLY A 38 -22.48 10.91 -14.92
CA GLY A 38 -23.94 10.70 -15.03
C GLY A 38 -24.64 11.88 -15.67
N ILE A 39 -24.29 13.10 -15.24
CA ILE A 39 -24.88 14.37 -15.77
C ILE A 39 -24.58 14.47 -17.28
N ALA A 40 -23.35 14.16 -17.69
CA ALA A 40 -22.90 14.18 -19.10
C ALA A 40 -23.77 13.20 -19.92
N ARG A 41 -23.99 12.00 -19.38
CA ARG A 41 -24.76 10.91 -20.05
C ARG A 41 -26.25 11.28 -20.07
N GLN A 42 -26.76 11.90 -19.00
CA GLN A 42 -28.22 12.14 -18.78
C GLN A 42 -28.42 13.54 -18.19
N PRO A 43 -28.24 14.62 -18.97
CA PRO A 43 -28.30 15.98 -18.44
C PRO A 43 -29.63 16.33 -17.75
N GLU A 44 -30.72 15.67 -18.17
CA GLU A 44 -32.10 15.91 -17.67
C GLU A 44 -32.23 15.41 -16.22
N ALA A 45 -31.28 14.58 -15.77
CA ALA A 45 -31.31 13.92 -14.44
C ALA A 45 -30.40 14.66 -13.45
N GLU A 46 -29.89 15.84 -13.82
CA GLU A 46 -28.93 16.65 -13.01
C GLU A 46 -29.46 16.79 -11.57
N GLY A 47 -30.72 17.21 -11.42
CA GLY A 47 -31.36 17.46 -10.12
C GLY A 47 -31.33 16.23 -9.23
N LYS A 48 -31.80 15.10 -9.75
CA LYS A 48 -31.80 13.78 -9.04
C LYS A 48 -30.37 13.41 -8.65
N ILE A 49 -29.43 13.55 -9.60
CA ILE A 49 -27.99 13.17 -9.40
C ILE A 49 -27.37 14.06 -8.34
N ARG A 50 -27.55 15.38 -8.46
CA ARG A 50 -26.95 16.38 -7.53
C ARG A 50 -27.51 16.15 -6.12
N GLY A 51 -28.81 15.88 -6.01
CA GLY A 51 -29.50 15.62 -4.73
C GLY A 51 -28.88 14.43 -4.01
N THR A 52 -28.73 13.30 -4.70
CA THR A 52 -28.19 12.03 -4.13
C THR A 52 -26.70 12.24 -3.78
N LEU A 53 -25.96 12.95 -4.63
CA LEU A 53 -24.51 13.23 -4.42
C LEU A 53 -24.35 14.05 -3.13
N LEU A 54 -25.12 15.13 -2.99
CA LEU A 54 -25.03 16.08 -1.85
C LEU A 54 -25.30 15.32 -0.54
N LEU A 55 -26.34 14.49 -0.51
CA LEU A 55 -26.66 13.59 0.63
C LEU A 55 -25.41 12.77 0.98
N SER A 56 -24.77 12.18 -0.03
CA SER A 56 -23.59 11.29 0.11
C SER A 56 -22.38 12.09 0.61
N LEU A 57 -22.14 13.28 0.05
CA LEU A 57 -21.00 14.16 0.42
C LEU A 57 -21.12 14.54 1.90
N ALA A 58 -22.34 14.79 2.37
CA ALA A 58 -22.64 15.16 3.78
C ALA A 58 -22.25 14.00 4.71
N PHE A 59 -22.68 12.78 4.40
CA PHE A 59 -22.38 11.55 5.17
C PHE A 59 -20.86 11.36 5.28
N MET A 60 -20.12 11.62 4.18
CA MET A 60 -18.65 11.42 4.09
C MET A 60 -17.93 12.58 4.81
N GLU A 61 -18.43 13.81 4.65
CA GLU A 61 -17.87 15.02 5.32
C GLU A 61 -17.94 14.82 6.85
N ALA A 62 -19.05 14.28 7.34
CA ALA A 62 -19.31 14.03 8.78
C ALA A 62 -18.19 13.15 9.34
N LEU A 63 -17.78 12.12 8.61
CA LEU A 63 -16.69 11.18 9.02
C LEU A 63 -15.47 11.98 9.45
N THR A 64 -15.04 12.96 8.65
CA THR A 64 -13.83 13.79 8.89
C THR A 64 -14.12 14.79 10.02
N ILE A 65 -15.34 15.30 10.09
CA ILE A 65 -15.76 16.30 11.13
C ILE A 65 -15.64 15.65 12.52
N TYR A 66 -15.96 14.36 12.65
CA TYR A 66 -15.77 13.60 13.91
C TYR A 66 -14.31 13.72 14.36
N GLY A 67 -13.38 13.64 13.41
CA GLY A 67 -11.93 13.83 13.64
C GLY A 67 -11.64 15.24 14.11
N LEU A 68 -12.22 16.24 13.44
CA LEU A 68 -12.05 17.69 13.79
C LEU A 68 -12.58 17.93 15.21
N VAL A 69 -13.76 17.41 15.53
CA VAL A 69 -14.44 17.60 16.84
C VAL A 69 -13.51 17.10 17.95
N VAL A 70 -12.95 15.90 17.79
CA VAL A 70 -12.04 15.27 18.79
C VAL A 70 -10.77 16.14 18.92
N ALA A 71 -10.19 16.57 17.80
CA ALA A 71 -9.00 17.45 17.76
C ALA A 71 -9.28 18.74 18.55
N LEU A 72 -10.41 19.39 18.27
CA LEU A 72 -10.82 20.65 18.93
C LEU A 72 -11.06 20.41 20.43
N ALA A 73 -11.63 19.25 20.78
CA ALA A 73 -11.87 18.83 22.18
C ALA A 73 -10.52 18.65 22.89
N LEU A 74 -9.55 18.02 22.22
CA LEU A 74 -8.20 17.75 22.77
C LEU A 74 -7.47 19.07 23.02
N LEU A 75 -7.74 20.09 22.22
CA LEU A 75 -7.04 21.41 22.32
C LEU A 75 -7.77 22.32 23.32
N PHE A 76 -9.10 22.45 23.23
CA PHE A 76 -9.88 23.56 23.83
C PHE A 76 -10.95 23.10 24.82
N ALA A 77 -11.11 21.79 25.02
CA ALA A 77 -12.01 21.20 26.03
C ALA A 77 -11.33 19.99 26.67
N ASN A 78 -10.01 20.06 26.85
CA ASN A 78 -9.17 18.96 27.37
C ASN A 78 -9.42 18.79 28.86
N PRO A 79 -9.90 17.62 29.31
CA PRO A 79 -10.26 17.41 30.71
C PRO A 79 -9.11 16.93 31.61
N PHE A 80 -7.91 16.75 31.03
CA PHE A 80 -6.73 16.15 31.69
C PHE A 80 -5.63 17.19 31.89
N VAL A 81 -5.59 18.22 31.05
CA VAL A 81 -4.61 19.35 31.13
C VAL A 81 -5.28 20.51 31.86
N MET B 1 3.88 8.43 34.89
CA MET B 1 3.28 7.68 36.04
C MET B 1 1.76 7.93 36.04
N ASN B 2 1.31 8.87 36.87
N ASN B 2 1.30 8.88 36.86
CA ASN B 2 -0.12 9.30 36.94
CA ASN B 2 -0.12 9.30 36.94
C ASN B 2 -0.52 9.94 35.61
C ASN B 2 -0.52 9.94 35.61
N PRO B 3 0.35 10.78 35.01
CA PRO B 3 0.07 11.39 33.71
C PRO B 3 -0.02 10.41 32.54
N LEU B 4 0.66 9.25 32.64
CA LEU B 4 0.73 8.22 31.57
C LEU B 4 -0.66 7.77 31.13
N ILE B 5 -1.61 7.55 32.05
CA ILE B 5 -2.99 7.07 31.73
C ILE B 5 -3.70 8.11 30.86
N ALA B 6 -3.67 9.38 31.28
CA ALA B 6 -4.28 10.52 30.56
C ALA B 6 -3.59 10.67 29.19
N ALA B 7 -2.26 10.59 29.16
CA ALA B 7 -1.45 10.72 27.93
C ALA B 7 -1.84 9.61 26.94
N ALA B 8 -1.94 8.37 27.42
CA ALA B 8 -2.32 7.20 26.61
C ALA B 8 -3.76 7.37 26.11
N SER B 9 -4.64 7.91 26.95
CA SER B 9 -6.09 8.08 26.69
C SER B 9 -6.30 9.03 25.50
N VAL B 10 -5.60 10.17 25.47
CA VAL B 10 -5.78 11.20 24.40
C VAL B 10 -5.25 10.64 23.07
N ILE B 11 -4.12 9.92 23.12
CA ILE B 11 -3.53 9.25 21.92
C ILE B 11 -4.54 8.23 21.39
N ALA B 12 -5.09 7.40 22.27
CA ALA B 12 -6.08 6.35 21.94
C ALA B 12 -7.29 7.00 21.25
N ALA B 13 -7.76 8.14 21.77
CA ALA B 13 -8.92 8.89 21.26
C ALA B 13 -8.65 9.35 19.82
N GLY B 14 -7.48 9.96 19.58
CA GLY B 14 -7.05 10.42 18.25
C GLY B 14 -7.02 9.29 17.25
N LEU B 15 -6.39 8.17 17.62
CA LEU B 15 -6.28 6.94 16.79
C LEU B 15 -7.69 6.39 16.47
N ALA B 16 -8.53 6.27 17.50
CA ALA B 16 -9.89 5.70 17.41
C ALA B 16 -10.69 6.42 16.31
N VAL B 17 -10.76 7.75 16.35
CA VAL B 17 -11.60 8.57 15.43
C VAL B 17 -10.88 8.70 14.08
N GLY B 18 -9.55 8.85 14.10
CA GLY B 18 -8.72 9.00 12.90
C GLY B 18 -8.82 7.79 11.98
N LEU B 19 -8.54 6.59 12.51
CA LEU B 19 -8.49 5.32 11.73
C LEU B 19 -9.90 4.91 11.29
N ALA B 20 -10.93 5.26 12.06
CA ALA B 20 -12.31 4.72 11.94
C ALA B 20 -13.00 5.25 10.68
N SER B 21 -12.45 6.29 10.03
CA SER B 21 -13.08 6.98 8.87
C SER B 21 -12.48 6.48 7.54
N ILE B 22 -11.37 5.73 7.60
CA ILE B 22 -10.60 5.32 6.39
C ILE B 22 -11.48 4.40 5.54
N GLY B 23 -11.93 3.28 6.10
CA GLY B 23 -12.77 2.29 5.41
C GLY B 23 -14.11 2.89 4.98
N PRO B 24 -14.94 3.34 5.95
CA PRO B 24 -16.25 3.92 5.65
C PRO B 24 -16.18 5.08 4.65
N GLY B 25 -15.11 5.88 4.71
CA GLY B 25 -14.86 6.98 3.76
C GLY B 25 -14.83 6.46 2.34
N VAL B 26 -13.97 5.47 2.06
CA VAL B 26 -13.81 4.85 0.72
C VAL B 26 -15.12 4.17 0.34
N GLY B 27 -15.71 3.41 1.27
CA GLY B 27 -16.94 2.62 1.06
C GLY B 27 -18.13 3.48 0.66
N GLN B 28 -18.39 4.55 1.40
CA GLN B 28 -19.54 5.47 1.15
C GLN B 28 -19.40 6.05 -0.26
N GLY B 29 -18.17 6.38 -0.67
CA GLY B 29 -17.86 6.92 -2.00
C GLY B 29 -18.21 5.91 -3.09
N THR B 30 -17.81 4.65 -2.91
CA THR B 30 -18.08 3.55 -3.87
C THR B 30 -19.60 3.41 -4.05
N ALA B 31 -20.34 3.31 -2.94
CA ALA B 31 -21.81 3.15 -2.91
C ALA B 31 -22.46 4.36 -3.60
N ALA B 32 -22.11 5.58 -3.17
CA ALA B 32 -22.69 6.84 -3.68
C ALA B 32 -22.43 6.96 -5.18
N GLY B 33 -21.21 6.61 -5.61
CA GLY B 33 -20.79 6.68 -7.02
C GLY B 33 -21.66 5.81 -7.91
N GLN B 34 -21.91 4.56 -7.51
CA GLN B 34 -22.73 3.60 -8.30
CA GLN B 34 -22.73 3.60 -8.30
C GLN B 34 -24.20 4.02 -8.23
N ALA B 35 -24.61 4.65 -7.13
CA ALA B 35 -25.99 5.17 -6.92
C ALA B 35 -26.30 6.22 -7.99
N VAL B 36 -25.45 7.24 -8.13
CA VAL B 36 -25.69 8.38 -9.08
C VAL B 36 -25.53 7.87 -10.51
N GLU B 37 -24.63 6.91 -10.75
CA GLU B 37 -24.47 6.23 -12.06
C GLU B 37 -25.78 5.51 -12.40
N GLY B 38 -26.36 4.81 -11.43
CA GLY B 38 -27.65 4.11 -11.56
C GLY B 38 -28.78 5.07 -11.89
N ILE B 39 -28.84 6.20 -11.19
CA ILE B 39 -29.88 7.26 -11.39
C ILE B 39 -29.78 7.79 -12.82
N ALA B 40 -28.56 8.06 -13.30
CA ALA B 40 -28.30 8.56 -14.68
C ALA B 40 -28.83 7.55 -15.70
N ARG B 41 -28.57 6.25 -15.47
CA ARG B 41 -28.96 5.14 -16.37
C ARG B 41 -30.47 4.93 -16.30
N GLN B 42 -31.06 5.06 -15.11
CA GLN B 42 -32.49 4.71 -14.84
C GLN B 42 -33.10 5.75 -13.90
N PRO B 43 -33.39 6.98 -14.39
CA PRO B 43 -33.88 8.06 -13.54
C PRO B 43 -35.16 7.72 -12.77
N GLU B 44 -35.98 6.83 -13.32
CA GLU B 44 -37.31 6.43 -12.77
C GLU B 44 -37.11 5.59 -11.50
N ALA B 45 -35.89 5.09 -11.27
CA ALA B 45 -35.55 4.18 -10.15
C ALA B 45 -34.89 4.95 -9.00
N GLU B 46 -34.88 6.29 -9.08
CA GLU B 46 -34.21 7.19 -8.10
C GLU B 46 -34.63 6.81 -6.67
N GLY B 47 -35.93 6.70 -6.42
CA GLY B 47 -36.51 6.39 -5.09
C GLY B 47 -35.95 5.10 -4.52
N LYS B 48 -36.01 4.01 -5.28
CA LYS B 48 -35.48 2.68 -4.88
C LYS B 48 -33.97 2.80 -4.62
N ILE B 49 -33.24 3.47 -5.51
CA ILE B 49 -31.76 3.64 -5.43
C ILE B 49 -31.40 4.45 -4.18
N ARG B 50 -32.06 5.59 -3.98
CA ARG B 50 -31.79 6.52 -2.85
C ARG B 50 -32.09 5.78 -1.53
N GLY B 51 -33.18 5.04 -1.47
CA GLY B 51 -33.59 4.24 -0.30
C GLY B 51 -32.51 3.25 0.11
N THR B 52 -32.02 2.44 -0.83
CA THR B 52 -30.99 1.40 -0.59
C THR B 52 -29.66 2.07 -0.22
N LEU B 53 -29.33 3.18 -0.88
CA LEU B 53 -28.07 3.94 -0.62
C LEU B 53 -28.08 4.45 0.83
N LEU B 54 -29.18 5.10 1.24
CA LEU B 54 -29.34 5.71 2.58
C LEU B 54 -29.14 4.63 3.67
N LEU B 55 -29.80 3.49 3.50
CA LEU B 55 -29.65 2.30 4.39
C LEU B 55 -28.16 1.95 4.49
N SER B 56 -27.46 1.89 3.35
CA SER B 56 -26.03 1.51 3.24
C SER B 56 -25.14 2.55 3.92
N LEU B 57 -25.40 3.84 3.67
CA LEU B 57 -24.61 4.98 4.23
C LEU B 57 -24.72 4.94 5.76
N ALA B 58 -25.89 4.60 6.30
CA ALA B 58 -26.15 4.50 7.76
C ALA B 58 -25.28 3.39 8.37
N PHE B 59 -25.27 2.21 7.76
CA PHE B 59 -24.45 1.04 8.20
C PHE B 59 -22.97 1.42 8.22
N MET B 60 -22.51 2.17 7.23
CA MET B 60 -21.08 2.57 7.08
C MET B 60 -20.74 3.71 8.03
N GLU B 61 -21.66 4.68 8.20
CA GLU B 61 -21.49 5.82 9.12
C GLU B 61 -21.34 5.27 10.56
N ALA B 62 -22.14 4.27 10.92
CA ALA B 62 -22.13 3.62 12.25
C ALA B 62 -20.72 3.12 12.58
N LEU B 63 -20.04 2.53 11.60
CA LEU B 63 -18.66 1.99 11.76
C LEU B 63 -17.76 3.07 12.37
N THR B 64 -17.80 4.29 11.82
CA THR B 64 -16.95 5.42 12.25
C THR B 64 -17.47 5.97 13.59
N ILE B 65 -18.78 5.96 13.80
CA ILE B 65 -19.42 6.49 15.04
C ILE B 65 -18.95 5.64 16.23
N TYR B 66 -18.76 4.33 16.05
CA TYR B 66 -18.20 3.43 17.10
C TYR B 66 -16.85 4.00 17.56
N GLY B 67 -16.04 4.45 16.61
CA GLY B 67 -14.74 5.11 16.86
C GLY B 67 -14.92 6.41 17.64
N LEU B 68 -15.88 7.25 17.24
CA LEU B 68 -16.20 8.54 17.90
C LEU B 68 -16.64 8.27 19.35
N VAL B 69 -17.53 7.29 19.54
CA VAL B 69 -18.11 6.94 20.88
C VAL B 69 -16.96 6.59 21.82
N VAL B 70 -16.03 5.75 21.39
CA VAL B 70 -14.86 5.29 22.20
C VAL B 70 -13.98 6.51 22.51
N ALA B 71 -13.69 7.35 21.52
CA ALA B 71 -12.88 8.59 21.67
C ALA B 71 -13.53 9.49 22.73
N LEU B 72 -14.84 9.74 22.61
CA LEU B 72 -15.60 10.60 23.56
C LEU B 72 -15.58 9.97 24.96
N ALA B 73 -15.69 8.65 25.06
CA ALA B 73 -15.63 7.89 26.32
C ALA B 73 -14.25 8.06 26.96
N LEU B 74 -13.18 7.97 26.15
CA LEU B 74 -11.77 8.10 26.61
C LEU B 74 -11.52 9.52 27.14
N LEU B 75 -12.20 10.52 26.60
CA LEU B 75 -12.00 11.94 26.96
C LEU B 75 -12.90 12.33 28.14
N PHE B 76 -14.19 11.99 28.09
CA PHE B 76 -15.24 12.61 28.94
C PHE B 76 -15.97 11.60 29.84
N ALA B 77 -15.65 10.30 29.74
CA ALA B 77 -16.21 9.24 30.62
C ALA B 77 -15.10 8.23 30.94
N ASN B 78 -13.88 8.72 31.13
CA ASN B 78 -12.67 7.88 31.34
C ASN B 78 -12.72 7.26 32.73
N PRO B 79 -12.74 5.91 32.83
CA PRO B 79 -12.89 5.23 34.11
C PRO B 79 -11.58 4.97 34.86
N PHE B 80 -10.43 5.35 34.26
CA PHE B 80 -9.07 5.05 34.77
C PHE B 80 -8.37 6.32 35.26
N VAL B 81 -8.75 7.48 34.73
CA VAL B 81 -8.22 8.82 35.14
C VAL B 81 -9.17 9.42 36.17
N MET C 1 3.48 0.70 36.63
CA MET C 1 2.97 -0.55 37.27
C MET C 1 1.44 -0.61 37.09
N ASN C 2 0.70 -0.09 38.09
N ASN C 2 0.70 -0.09 38.08
CA ASN C 2 -0.78 -0.02 38.08
CA ASN C 2 -0.79 -0.04 38.05
C ASN C 2 -1.24 0.88 36.94
C ASN C 2 -1.24 0.88 36.92
N PRO C 3 -0.56 2.03 36.70
CA PRO C 3 -0.89 2.90 35.57
C PRO C 3 -0.66 2.27 34.19
N LEU C 4 0.35 1.40 34.07
CA LEU C 4 0.75 0.78 32.79
C LEU C 4 -0.40 -0.05 32.19
N ILE C 5 -1.10 -0.82 33.03
CA ILE C 5 -2.24 -1.69 32.61
C ILE C 5 -3.36 -0.81 32.04
N ALA C 6 -3.74 0.24 32.76
CA ALA C 6 -4.79 1.20 32.34
C ALA C 6 -4.35 1.89 31.04
N ALA C 7 -3.08 2.33 30.97
CA ALA C 7 -2.50 3.02 29.80
C ALA C 7 -2.55 2.09 28.58
N ALA C 8 -2.16 0.83 28.76
CA ALA C 8 -2.18 -0.21 27.70
C ALA C 8 -3.62 -0.45 27.26
N SER C 9 -4.55 -0.48 28.22
CA SER C 9 -5.99 -0.80 28.01
C SER C 9 -6.64 0.24 27.08
N VAL C 10 -6.40 1.53 27.34
CA VAL C 10 -7.03 2.64 26.55
C VAL C 10 -6.47 2.62 25.13
N ILE C 11 -5.16 2.37 24.98
CA ILE C 11 -4.48 2.26 23.66
C ILE C 11 -5.11 1.09 22.89
N ALA C 12 -5.25 -0.07 23.56
CA ALA C 12 -5.82 -1.30 22.99
C ALA C 12 -7.25 -1.01 22.49
N ALA C 13 -8.03 -0.28 23.28
CA ALA C 13 -9.45 0.08 22.97
C ALA C 13 -9.49 0.91 21.69
N GLY C 14 -8.65 1.95 21.59
CA GLY C 14 -8.55 2.82 20.41
C GLY C 14 -8.21 2.03 19.16
N LEU C 15 -7.19 1.18 19.24
CA LEU C 15 -6.72 0.29 18.13
C LEU C 15 -7.86 -0.64 17.71
N ALA C 16 -8.49 -1.31 18.69
CA ALA C 16 -9.56 -2.31 18.47
C ALA C 16 -10.67 -1.72 17.58
N VAL C 17 -11.21 -0.57 17.96
CA VAL C 17 -12.38 0.05 17.27
C VAL C 17 -11.89 0.75 15.98
N GLY C 18 -10.72 1.38 16.03
CA GLY C 18 -10.12 2.09 14.88
C GLY C 18 -9.87 1.17 13.69
N LEU C 19 -9.13 0.09 13.91
CA LEU C 19 -8.70 -0.88 12.86
C LEU C 19 -9.91 -1.67 12.34
N ALA C 20 -10.91 -1.91 13.19
CA ALA C 20 -12.00 -2.90 12.96
C ALA C 20 -12.96 -2.43 11.85
N SER C 21 -12.89 -1.15 11.48
CA SER C 21 -13.84 -0.51 10.52
C SER C 21 -13.23 -0.43 9.11
N ILE C 22 -11.93 -0.70 8.97
CA ILE C 22 -11.19 -0.52 7.70
C ILE C 22 -11.76 -1.48 6.64
N GLY C 23 -11.72 -2.79 6.91
CA GLY C 23 -12.22 -3.83 6.00
C GLY C 23 -13.71 -3.70 5.75
N PRO C 24 -14.54 -3.82 6.82
CA PRO C 24 -16.00 -3.72 6.69
C PRO C 24 -16.46 -2.42 6.02
N GLY C 25 -15.75 -1.32 6.27
CA GLY C 25 -16.01 -0.02 5.63
C GLY C 25 -15.96 -0.15 4.11
N VAL C 26 -14.84 -0.64 3.59
CA VAL C 26 -14.60 -0.85 2.14
C VAL C 26 -15.62 -1.86 1.61
N GLY C 27 -15.80 -2.97 2.33
CA GLY C 27 -16.66 -4.11 1.94
C GLY C 27 -18.11 -3.69 1.79
N GLN C 28 -18.67 -2.99 2.78
CA GLN C 28 -20.08 -2.54 2.77
C GLN C 28 -20.31 -1.65 1.55
N GLY C 29 -19.34 -0.80 1.22
CA GLY C 29 -19.38 0.09 0.05
C GLY C 29 -19.48 -0.70 -1.25
N THR C 30 -18.63 -1.72 -1.39
CA THR C 30 -18.60 -2.62 -2.57
C THR C 30 -19.98 -3.25 -2.76
N ALA C 31 -20.51 -3.86 -1.69
CA ALA C 31 -21.82 -4.55 -1.69
C ALA C 31 -22.92 -3.54 -2.05
N ALA C 32 -22.99 -2.42 -1.34
CA ALA C 32 -24.03 -1.39 -1.51
C ALA C 32 -23.99 -0.83 -2.94
N GLY C 33 -22.78 -0.61 -3.47
CA GLY C 33 -22.57 -0.08 -4.83
C GLY C 33 -23.15 -0.99 -5.89
N GLN C 34 -22.91 -2.31 -5.79
CA GLN C 34 -23.40 -3.29 -6.78
CA GLN C 34 -23.41 -3.30 -6.77
C GLN C 34 -24.92 -3.48 -6.59
N ALA C 35 -25.40 -3.30 -5.35
CA ALA C 35 -26.84 -3.38 -5.01
C ALA C 35 -27.62 -2.32 -5.79
N VAL C 36 -27.22 -1.05 -5.71
CA VAL C 36 -27.94 0.09 -6.34
C VAL C 36 -27.76 -0.01 -7.87
N GLU C 37 -26.61 -0.48 -8.34
CA GLU C 37 -26.36 -0.76 -9.77
C GLU C 37 -27.36 -1.81 -10.26
N GLY C 38 -27.54 -2.88 -9.46
CA GLY C 38 -28.49 -3.96 -9.74
C GLY C 38 -29.92 -3.45 -9.81
N ILE C 39 -30.32 -2.61 -8.85
CA ILE C 39 -31.69 -2.01 -8.77
C ILE C 39 -31.95 -1.19 -10.04
N ALA C 40 -30.97 -0.38 -10.46
CA ALA C 40 -31.05 0.46 -11.68
C ALA C 40 -31.30 -0.42 -12.90
N ARG C 41 -30.55 -1.54 -13.00
CA ARG C 41 -30.59 -2.49 -14.14
C ARG C 41 -31.92 -3.27 -14.10
N GLN C 42 -32.37 -3.64 -12.90
CA GLN C 42 -33.51 -4.58 -12.70
C GLN C 42 -34.38 -4.09 -11.53
N PRO C 43 -35.16 -3.00 -11.72
CA PRO C 43 -35.93 -2.41 -10.62
C PRO C 43 -36.92 -3.38 -9.95
N GLU C 44 -37.37 -4.39 -10.69
CA GLU C 44 -38.36 -5.40 -10.26
C GLU C 44 -37.74 -6.32 -9.20
N ALA C 45 -36.41 -6.33 -9.10
CA ALA C 45 -35.64 -7.25 -8.23
C ALA C 45 -35.19 -6.52 -6.95
N GLU C 46 -35.69 -5.31 -6.71
CA GLU C 46 -35.33 -4.46 -5.54
C GLU C 46 -35.43 -5.28 -4.24
N GLY C 47 -36.56 -5.94 -4.01
CA GLY C 47 -36.83 -6.73 -2.79
C GLY C 47 -35.79 -7.81 -2.56
N LYS C 48 -35.52 -8.63 -3.57
CA LYS C 48 -34.49 -9.69 -3.53
C LYS C 48 -33.12 -9.06 -3.25
N ILE C 49 -32.79 -7.96 -3.95
CA ILE C 49 -31.47 -7.27 -3.84
C ILE C 49 -31.33 -6.67 -2.44
N ARG C 50 -32.34 -5.95 -1.95
CA ARG C 50 -32.35 -5.30 -0.61
C ARG C 50 -32.16 -6.37 0.47
N GLY C 51 -32.88 -7.49 0.34
CA GLY C 51 -32.83 -8.62 1.29
C GLY C 51 -31.42 -9.18 1.41
N THR C 52 -30.78 -9.49 0.28
CA THR C 52 -29.42 -10.08 0.22
C THR C 52 -28.41 -9.06 0.75
N LEU C 53 -28.58 -7.78 0.39
CA LEU C 53 -27.66 -6.69 0.82
C LEU C 53 -27.70 -6.57 2.35
N LEU C 54 -28.90 -6.50 2.92
CA LEU C 54 -29.13 -6.31 4.38
C LEU C 54 -28.43 -7.46 5.15
N LEU C 55 -28.65 -8.70 4.70
CA LEU C 55 -27.97 -9.91 5.25
C LEU C 55 -26.46 -9.69 5.25
N SER C 56 -25.92 -9.21 4.12
CA SER C 56 -24.47 -9.00 3.89
C SER C 56 -23.95 -7.87 4.80
N LEU C 57 -24.68 -6.76 4.89
CA LEU C 57 -24.30 -5.58 5.70
C LEU C 57 -24.20 -5.98 7.17
N ALA C 58 -25.12 -6.85 7.63
CA ALA C 58 -25.18 -7.37 9.02
C ALA C 58 -23.90 -8.18 9.32
N PHE C 59 -23.53 -9.11 8.43
CA PHE C 59 -22.32 -9.96 8.55
C PHE C 59 -21.07 -9.08 8.66
N MET C 60 -21.01 -8.00 7.86
CA MET C 60 -19.83 -7.09 7.80
C MET C 60 -19.83 -6.14 9.01
N GLU C 61 -21.01 -5.66 9.42
CA GLU C 61 -21.18 -4.77 10.60
C GLU C 61 -20.69 -5.52 11.85
N ALA C 62 -21.03 -6.80 11.96
CA ALA C 62 -20.66 -7.68 13.10
C ALA C 62 -19.14 -7.68 13.28
N LEU C 63 -18.39 -7.74 12.17
CA LEU C 63 -16.90 -7.75 12.18
C LEU C 63 -16.39 -6.57 13.02
N THR C 64 -16.93 -5.38 12.78
CA THR C 64 -16.50 -4.12 13.45
C THR C 64 -17.04 -4.11 14.89
N ILE C 65 -18.24 -4.66 15.11
CA ILE C 65 -18.89 -4.69 16.45
C ILE C 65 -18.03 -5.53 17.40
N TYR C 66 -17.39 -6.60 16.91
CA TYR C 66 -16.43 -7.42 17.71
C TYR C 66 -15.35 -6.49 18.27
N GLY C 67 -14.87 -5.57 17.45
CA GLY C 67 -13.89 -4.53 17.84
C GLY C 67 -14.44 -3.61 18.92
N LEU C 68 -15.68 -3.14 18.72
CA LEU C 68 -16.38 -2.25 19.68
C LEU C 68 -16.56 -2.97 21.02
N VAL C 69 -17.01 -4.22 20.99
CA VAL C 69 -17.27 -5.05 22.21
C VAL C 69 -15.99 -5.14 23.04
N VAL C 70 -14.86 -5.44 22.40
CA VAL C 70 -13.54 -5.59 23.08
C VAL C 70 -13.13 -4.24 23.67
N ALA C 71 -13.27 -3.15 22.89
CA ALA C 71 -12.96 -1.77 23.33
C ALA C 71 -13.78 -1.43 24.58
N LEU C 72 -15.10 -1.67 24.55
CA LEU C 72 -16.02 -1.40 25.67
C LEU C 72 -15.64 -2.25 26.88
N ALA C 73 -15.24 -3.50 26.66
CA ALA C 73 -14.78 -4.44 27.71
C ALA C 73 -13.51 -3.90 28.35
N LEU C 74 -12.57 -3.41 27.54
CA LEU C 74 -11.26 -2.86 28.00
C LEU C 74 -11.49 -1.61 28.86
N LEU C 75 -12.54 -0.84 28.56
CA LEU C 75 -12.84 0.44 29.25
C LEU C 75 -13.70 0.19 30.50
N PHE C 76 -14.76 -0.60 30.39
CA PHE C 76 -15.88 -0.62 31.39
C PHE C 76 -16.08 -2.00 32.02
N ALA C 77 -15.33 -3.03 31.61
CA ALA C 77 -15.38 -4.38 32.20
C ALA C 77 -13.97 -4.98 32.24
N ASN C 78 -12.98 -4.13 32.54
CA ASN C 78 -11.54 -4.48 32.51
C ASN C 78 -11.23 -5.39 33.70
N PRO C 79 -10.74 -6.62 33.46
CA PRO C 79 -10.49 -7.59 34.53
C PRO C 79 -9.11 -7.49 35.19
N PHE C 80 -8.26 -6.57 34.71
CA PHE C 80 -6.84 -6.44 35.12
C PHE C 80 -6.60 -5.14 35.91
N VAL C 81 -7.44 -4.13 35.68
CA VAL C 81 -7.40 -2.82 36.39
C VAL C 81 -8.40 -2.87 37.55
N MET D 1 6.48 -5.98 35.61
CA MET D 1 6.49 -7.43 35.95
C MET D 1 5.07 -8.00 35.81
N ASN D 2 4.31 -7.98 36.91
N ASN D 2 4.31 -7.99 36.90
CA ASN D 2 2.89 -8.46 36.96
CA ASN D 2 2.89 -8.46 36.95
C ASN D 2 2.05 -7.56 36.04
C ASN D 2 2.05 -7.56 36.04
N PRO D 3 2.27 -6.23 36.08
CA PRO D 3 1.55 -5.31 35.18
C PRO D 3 1.89 -5.50 33.70
N LEU D 4 3.13 -5.88 33.38
CA LEU D 4 3.65 -6.00 31.99
C LEU D 4 2.83 -7.06 31.23
N ILE D 5 2.54 -8.20 31.87
CA ILE D 5 1.82 -9.34 31.23
C ILE D 5 0.40 -8.88 30.88
N ALA D 6 -0.29 -8.26 31.84
CA ALA D 6 -1.65 -7.71 31.68
C ALA D 6 -1.65 -6.64 30.58
N ALA D 7 -0.65 -5.75 30.61
CA ALA D 7 -0.50 -4.63 29.64
C ALA D 7 -0.31 -5.21 28.23
N ALA D 8 0.54 -6.21 28.09
CA ALA D 8 0.82 -6.90 26.82
C ALA D 8 -0.45 -7.60 26.34
N SER D 9 -1.19 -8.21 27.26
CA SER D 9 -2.41 -9.01 26.99
C SER D 9 -3.51 -8.14 26.38
N VAL D 10 -3.76 -6.95 26.93
CA VAL D 10 -4.85 -6.04 26.45
C VAL D 10 -4.46 -5.50 25.06
N ILE D 11 -3.19 -5.18 24.85
CA ILE D 11 -2.67 -4.71 23.52
C ILE D 11 -2.89 -5.84 22.50
N ALA D 12 -2.50 -7.07 22.86
CA ALA D 12 -2.63 -8.27 22.02
C ALA D 12 -4.11 -8.46 21.64
N ALA D 13 -5.02 -8.29 22.59
CA ALA D 13 -6.48 -8.44 22.40
C ALA D 13 -6.98 -7.43 21.37
N GLY D 14 -6.60 -6.16 21.52
CA GLY D 14 -6.96 -5.07 20.59
C GLY D 14 -6.49 -5.37 19.17
N LEU D 15 -5.23 -5.77 19.02
CA LEU D 15 -4.59 -6.13 17.73
C LEU D 15 -5.33 -7.32 17.11
N ALA D 16 -5.57 -8.36 17.90
CA ALA D 16 -6.20 -9.63 17.45
C ALA D 16 -7.53 -9.34 16.75
N VAL D 17 -8.43 -8.59 17.41
CA VAL D 17 -9.81 -8.33 16.92
C VAL D 17 -9.77 -7.23 15.85
N GLY D 18 -8.90 -6.23 16.03
CA GLY D 18 -8.75 -5.11 15.09
C GLY D 18 -8.30 -5.56 13.72
N LEU D 19 -7.18 -6.29 13.65
CA LEU D 19 -6.54 -6.74 12.38
C LEU D 19 -7.41 -7.80 11.69
N ALA D 20 -8.16 -8.60 12.47
CA ALA D 20 -8.83 -9.84 12.00
C ALA D 20 -10.01 -9.53 11.06
N SER D 21 -10.45 -8.28 11.02
CA SER D 21 -11.67 -7.86 10.27
C SER D 21 -11.29 -7.24 8.92
N ILE D 22 -10.00 -6.96 8.70
CA ILE D 22 -9.51 -6.24 7.49
C ILE D 22 -9.81 -7.08 6.25
N GLY D 23 -9.27 -8.30 6.18
CA GLY D 23 -9.45 -9.22 5.05
C GLY D 23 -10.90 -9.61 4.88
N PRO D 24 -11.51 -10.28 5.88
CA PRO D 24 -12.91 -10.71 5.79
C PRO D 24 -13.88 -9.57 5.48
N GLY D 25 -13.61 -8.36 5.98
CA GLY D 25 -14.38 -7.14 5.67
C GLY D 25 -14.43 -6.90 4.17
N VAL D 26 -13.26 -6.83 3.52
CA VAL D 26 -13.11 -6.60 2.06
C VAL D 26 -13.75 -7.78 1.32
N GLY D 27 -13.44 -9.00 1.76
CA GLY D 27 -13.89 -10.25 1.12
C GLY D 27 -15.40 -10.38 1.08
N GLN D 28 -16.06 -10.18 2.22
CA GLN D 28 -17.54 -10.28 2.35
C GLN D 28 -18.19 -9.29 1.38
N GLY D 29 -17.62 -8.09 1.25
CA GLY D 29 -18.11 -7.04 0.34
C GLY D 29 -18.03 -7.50 -1.12
N THR D 30 -16.90 -8.07 -1.51
CA THR D 30 -16.67 -8.60 -2.88
C THR D 30 -17.74 -9.65 -3.19
N ALA D 31 -17.90 -10.64 -2.31
CA ALA D 31 -18.87 -11.75 -2.46
C ALA D 31 -20.29 -11.19 -2.54
N ALA D 32 -20.68 -10.35 -1.58
CA ALA D 32 -22.04 -9.78 -1.46
C ALA D 32 -22.36 -8.95 -2.71
N GLY D 33 -21.38 -8.18 -3.19
CA GLY D 33 -21.53 -7.31 -4.37
C GLY D 33 -21.85 -8.12 -5.62
N GLN D 34 -21.13 -9.21 -5.85
CA GLN D 34 -21.33 -10.07 -7.05
CA GLN D 34 -21.33 -10.07 -7.05
C GLN D 34 -22.65 -10.85 -6.89
N ALA D 35 -23.03 -11.15 -5.65
CA ALA D 35 -24.29 -11.84 -5.31
C ALA D 35 -25.49 -11.01 -5.79
N VAL D 36 -25.57 -9.74 -5.39
CA VAL D 36 -26.72 -8.84 -5.74
C VAL D 36 -26.67 -8.51 -7.23
N GLU D 37 -25.48 -8.40 -7.82
CA GLU D 37 -25.29 -8.22 -9.28
C GLU D 37 -25.88 -9.45 -10.00
N GLY D 38 -25.58 -10.65 -9.50
CA GLY D 38 -26.11 -11.92 -10.03
C GLY D 38 -27.62 -11.97 -9.95
N ILE D 39 -28.19 -11.58 -8.81
CA ILE D 39 -29.66 -11.57 -8.56
C ILE D 39 -30.33 -10.64 -9.59
N ALA D 40 -29.75 -9.45 -9.82
CA ALA D 40 -30.26 -8.45 -10.79
C ALA D 40 -30.29 -9.06 -12.18
N ARG D 41 -29.22 -9.77 -12.56
CA ARG D 41 -29.04 -10.39 -13.90
C ARG D 41 -29.99 -11.60 -14.02
N GLN D 42 -30.15 -12.38 -12.95
CA GLN D 42 -30.88 -13.67 -12.97
C GLN D 42 -31.73 -13.81 -11.70
N PRO D 43 -32.85 -13.07 -11.58
CA PRO D 43 -33.66 -13.05 -10.37
C PRO D 43 -34.16 -14.45 -9.94
N GLU D 44 -34.33 -15.35 -10.91
CA GLU D 44 -34.88 -16.72 -10.69
C GLU D 44 -33.85 -17.58 -9.94
N ALA D 45 -32.60 -17.14 -9.87
CA ALA D 45 -31.47 -17.88 -9.27
C ALA D 45 -31.16 -17.35 -7.86
N GLU D 46 -32.04 -16.50 -7.31
CA GLU D 46 -31.86 -15.84 -5.99
C GLU D 46 -31.51 -16.88 -4.92
N GLY D 47 -32.32 -17.95 -4.83
CA GLY D 47 -32.15 -19.03 -3.84
C GLY D 47 -30.78 -19.65 -3.90
N LYS D 48 -30.34 -20.10 -5.09
CA LYS D 48 -29.01 -20.68 -5.33
C LYS D 48 -27.92 -19.68 -4.93
N ILE D 49 -28.07 -18.42 -5.36
CA ILE D 49 -27.07 -17.33 -5.12
C ILE D 49 -26.99 -17.04 -3.63
N ARG D 50 -28.13 -16.85 -2.96
CA ARG D 50 -28.21 -16.52 -1.51
C ARG D 50 -27.59 -17.66 -0.70
N GLY D 51 -27.90 -18.90 -1.07
CA GLY D 51 -27.37 -20.11 -0.40
C GLY D 51 -25.86 -20.15 -0.43
N THR D 52 -25.26 -19.98 -1.62
CA THR D 52 -23.79 -20.02 -1.83
C THR D 52 -23.14 -18.83 -1.11
N LEU D 53 -23.77 -17.66 -1.16
CA LEU D 53 -23.26 -16.43 -0.49
C LEU D 53 -23.18 -16.67 1.02
N LEU D 54 -24.28 -17.16 1.62
CA LEU D 54 -24.40 -17.40 3.08
C LEU D 54 -23.28 -18.34 3.54
N LEU D 55 -23.08 -19.44 2.82
CA LEU D 55 -21.98 -20.41 3.04
C LEU D 55 -20.65 -19.66 3.06
N SER D 56 -20.42 -18.78 2.07
CA SER D 56 -19.17 -18.00 1.89
C SER D 56 -19.00 -17.00 3.04
N LEU D 57 -20.06 -16.28 3.41
CA LEU D 57 -20.05 -15.26 4.49
C LEU D 57 -19.67 -15.92 5.80
N ALA D 58 -20.15 -17.15 6.05
CA ALA D 58 -19.87 -17.95 7.27
C ALA D 58 -18.37 -18.27 7.35
N PHE D 59 -17.79 -18.76 6.26
CA PHE D 59 -16.35 -19.09 6.14
C PHE D 59 -15.50 -17.85 6.45
N MET D 60 -15.92 -16.68 5.95
CA MET D 60 -15.17 -15.41 6.09
C MET D 60 -15.38 -14.83 7.49
N GLU D 61 -16.60 -14.92 8.03
CA GLU D 61 -16.93 -14.45 9.40
C GLU D 61 -16.07 -15.23 10.41
N ALA D 62 -15.91 -16.54 10.21
CA ALA D 62 -15.13 -17.45 11.07
C ALA D 62 -13.69 -16.92 11.23
N LEU D 63 -13.10 -16.44 10.13
CA LEU D 63 -11.72 -15.89 10.11
C LEU D 63 -11.57 -14.83 11.21
N THR D 64 -12.52 -13.90 11.28
CA THR D 64 -12.51 -12.77 12.26
C THR D 64 -12.85 -13.29 13.66
N ILE D 65 -13.75 -14.28 13.75
CA ILE D 65 -14.20 -14.86 15.05
C ILE D 65 -12.99 -15.50 15.74
N TYR D 66 -12.07 -16.13 14.99
CA TYR D 66 -10.81 -16.69 15.54
C TYR D 66 -10.06 -15.58 16.30
N GLY D 67 -10.03 -14.37 15.73
CA GLY D 67 -9.45 -13.17 16.35
C GLY D 67 -10.18 -12.78 17.62
N LEU D 68 -11.52 -12.76 17.59
CA LEU D 68 -12.38 -12.44 18.75
C LEU D 68 -12.13 -13.46 19.87
N VAL D 69 -12.10 -14.76 19.54
CA VAL D 69 -11.91 -15.87 20.51
C VAL D 69 -10.60 -15.63 21.27
N VAL D 70 -9.51 -15.34 20.55
CA VAL D 70 -8.16 -15.11 21.14
C VAL D 70 -8.22 -13.87 22.04
N ALA D 71 -8.83 -12.79 21.57
CA ALA D 71 -9.01 -11.52 22.33
C ALA D 71 -9.76 -11.82 23.64
N LEU D 72 -10.88 -12.54 23.57
CA LEU D 72 -11.71 -12.90 24.74
C LEU D 72 -10.90 -13.79 25.70
N ALA D 73 -10.10 -14.72 25.16
CA ALA D 73 -9.20 -15.60 25.94
C ALA D 73 -8.16 -14.76 26.67
N LEU D 74 -7.57 -13.77 25.99
CA LEU D 74 -6.52 -12.87 26.55
C LEU D 74 -7.10 -12.03 27.69
N LEU D 75 -8.39 -11.69 27.62
CA LEU D 75 -9.08 -10.82 28.61
C LEU D 75 -9.63 -11.67 29.77
N PHE D 76 -10.34 -12.77 29.49
CA PHE D 76 -11.25 -13.45 30.45
C PHE D 76 -10.85 -14.90 30.73
N ALA D 77 -9.82 -15.43 30.07
CA ALA D 77 -9.28 -16.79 30.30
C ALA D 77 -7.75 -16.77 30.18
N ASN D 78 -7.13 -15.69 30.68
CA ASN D 78 -5.68 -15.43 30.55
C ASN D 78 -4.92 -16.39 31.45
N PRO D 79 -4.03 -17.24 30.89
CA PRO D 79 -3.33 -18.25 31.67
C PRO D 79 -2.03 -17.76 32.33
N PHE D 80 -1.64 -16.51 32.09
CA PHE D 80 -0.32 -15.93 32.51
C PHE D 80 -0.51 -14.87 33.60
N VAL D 81 -1.69 -14.23 33.64
CA VAL D 81 -2.06 -13.21 34.66
C VAL D 81 -2.82 -13.91 35.80
N MET E 1 12.01 -10.98 32.89
CA MET E 1 12.46 -12.40 32.92
C MET E 1 11.26 -13.30 32.60
N ASN E 2 10.61 -13.83 33.64
N ASN E 2 10.60 -13.84 33.64
CA ASN E 2 9.39 -14.68 33.52
CA ASN E 2 9.39 -14.67 33.50
C ASN E 2 8.27 -13.86 32.89
C ASN E 2 8.26 -13.85 32.89
N PRO E 3 8.09 -12.57 33.30
CA PRO E 3 7.09 -11.69 32.69
C PRO E 3 7.33 -11.39 31.20
N LEU E 4 8.60 -11.27 30.79
CA LEU E 4 8.95 -10.86 29.40
C LEU E 4 8.48 -11.92 28.41
N ILE E 5 8.68 -13.20 28.75
CA ILE E 5 8.34 -14.37 27.88
C ILE E 5 6.82 -14.39 27.70
N ALA E 6 6.07 -14.28 28.80
CA ALA E 6 4.59 -14.26 28.81
C ALA E 6 4.09 -13.07 27.99
N ALA E 7 4.69 -11.89 28.22
CA ALA E 7 4.32 -10.62 27.54
C ALA E 7 4.54 -10.78 26.03
N ALA E 8 5.69 -11.34 25.63
CA ALA E 8 6.05 -11.58 24.22
C ALA E 8 5.06 -12.58 23.61
N SER E 9 4.70 -13.61 24.38
CA SER E 9 3.83 -14.74 23.96
C SER E 9 2.43 -14.23 23.59
N VAL E 10 1.83 -13.38 24.42
CA VAL E 10 0.44 -12.87 24.21
C VAL E 10 0.44 -11.95 22.98
N ILE E 11 1.48 -11.13 22.82
CA ILE E 11 1.64 -10.23 21.64
C ILE E 11 1.74 -11.10 20.38
N ALA E 12 2.58 -12.13 20.43
CA ALA E 12 2.80 -13.07 19.31
C ALA E 12 1.47 -13.72 18.92
N ALA E 13 0.66 -14.12 19.91
CA ALA E 13 -0.66 -14.77 19.72
C ALA E 13 -1.60 -13.82 18.97
N GLY E 14 -1.70 -12.57 19.43
CA GLY E 14 -2.53 -11.51 18.81
C GLY E 14 -2.14 -11.29 17.35
N LEU E 15 -0.85 -11.13 17.08
CA LEU E 15 -0.28 -10.95 15.72
C LEU E 15 -0.61 -12.16 14.84
N ALA E 16 -0.36 -13.37 15.36
CA ALA E 16 -0.55 -14.65 14.63
C ALA E 16 -1.97 -14.73 14.07
N VAL E 17 -2.99 -14.53 14.91
CA VAL E 17 -4.43 -14.71 14.54
C VAL E 17 -4.89 -13.48 13.76
N GLY E 18 -4.44 -12.29 14.15
CA GLY E 18 -4.81 -11.01 13.51
C GLY E 18 -4.38 -10.95 12.06
N LEU E 19 -3.09 -11.16 11.79
CA LEU E 19 -2.48 -11.05 10.44
C LEU E 19 -2.98 -12.19 9.53
N ALA E 20 -3.29 -13.36 10.10
CA ALA E 20 -3.51 -14.63 9.37
C ALA E 20 -4.81 -14.59 8.55
N SER E 21 -5.70 -13.62 8.82
CA SER E 21 -7.04 -13.52 8.19
C SER E 21 -7.03 -12.53 7.02
N ILE E 22 -5.96 -11.76 6.86
CA ILE E 22 -5.90 -10.64 5.86
C ILE E 22 -5.97 -11.24 4.45
N GLY E 23 -5.04 -12.12 4.10
CA GLY E 23 -4.98 -12.78 2.77
C GLY E 23 -6.21 -13.65 2.52
N PRO E 24 -6.44 -14.68 3.35
CA PRO E 24 -7.58 -15.58 3.18
C PRO E 24 -8.93 -14.84 3.15
N GLY E 25 -9.06 -13.76 3.93
CA GLY E 25 -10.24 -12.88 3.92
C GLY E 25 -10.52 -12.36 2.52
N VAL E 26 -9.52 -11.71 1.91
CA VAL E 26 -9.62 -11.13 0.54
C VAL E 26 -9.85 -12.28 -0.46
N GLY E 27 -9.08 -13.36 -0.34
CA GLY E 27 -9.11 -14.52 -1.25
C GLY E 27 -10.48 -15.18 -1.29
N GLN E 28 -11.04 -15.50 -0.12
CA GLN E 28 -12.37 -16.17 -0.01
C GLN E 28 -13.42 -15.32 -0.70
N GLY E 29 -13.34 -13.99 -0.54
CA GLY E 29 -14.26 -13.04 -1.17
C GLY E 29 -14.18 -13.10 -2.68
N THR E 30 -12.96 -13.09 -3.23
CA THR E 30 -12.69 -13.18 -4.68
C THR E 30 -13.36 -14.45 -5.22
N ALA E 31 -13.07 -15.60 -4.62
CA ALA E 31 -13.58 -16.92 -5.02
C ALA E 31 -15.10 -16.92 -4.95
N ALA E 32 -15.66 -16.54 -3.80
CA ALA E 32 -17.12 -16.57 -3.53
C ALA E 32 -17.84 -15.64 -4.54
N GLY E 33 -17.26 -14.47 -4.81
CA GLY E 33 -17.81 -13.47 -5.74
C GLY E 33 -17.97 -14.04 -7.14
N GLN E 34 -16.93 -14.70 -7.66
CA GLN E 34 -16.95 -15.28 -9.03
CA GLN E 34 -16.94 -15.29 -9.02
C GLN E 34 -17.86 -16.52 -9.05
N ALA E 35 -17.98 -17.22 -7.92
CA ALA E 35 -18.87 -18.39 -7.75
C ALA E 35 -20.33 -17.98 -7.96
N VAL E 36 -20.81 -16.95 -7.26
CA VAL E 36 -22.23 -16.50 -7.34
C VAL E 36 -22.48 -15.86 -8.71
N GLU E 37 -21.48 -15.18 -9.27
CA GLU E 37 -21.53 -14.63 -10.66
C GLU E 37 -21.72 -15.78 -11.63
N GLY E 38 -20.96 -16.87 -11.45
CA GLY E 38 -21.05 -18.09 -12.28
C GLY E 38 -22.42 -18.73 -12.17
N ILE E 39 -22.97 -18.84 -10.96
CA ILE E 39 -24.31 -19.44 -10.69
C ILE E 39 -25.37 -18.61 -11.44
N ALA E 40 -25.30 -17.28 -11.37
CA ALA E 40 -26.23 -16.36 -12.06
C ALA E 40 -26.18 -16.60 -13.56
N ARG E 41 -24.98 -16.76 -14.12
CA ARG E 41 -24.75 -16.94 -15.58
C ARG E 41 -25.21 -18.35 -15.99
N GLN E 42 -24.97 -19.36 -15.14
CA GLN E 42 -25.19 -20.78 -15.46
C GLN E 42 -25.79 -21.50 -14.25
N PRO E 43 -27.09 -21.29 -13.94
CA PRO E 43 -27.70 -21.84 -12.74
C PRO E 43 -27.64 -23.37 -12.66
N GLU E 44 -27.57 -24.03 -13.82
CA GLU E 44 -27.58 -25.51 -13.94
C GLU E 44 -26.25 -26.09 -13.43
N ALA E 45 -25.23 -25.24 -13.29
CA ALA E 45 -23.86 -25.64 -12.91
C ALA E 45 -23.60 -25.35 -11.43
N GLU E 46 -24.64 -25.02 -10.66
CA GLU E 46 -24.55 -24.64 -9.23
C GLU E 46 -23.75 -25.70 -8.46
N GLY E 47 -24.10 -26.98 -8.62
CA GLY E 47 -23.46 -28.12 -7.94
C GLY E 47 -21.96 -28.15 -8.17
N LYS E 48 -21.54 -28.13 -9.44
CA LYS E 48 -20.12 -28.11 -9.86
C LYS E 48 -19.43 -26.89 -9.25
N ILE E 49 -20.06 -25.72 -9.35
CA ILE E 49 -19.49 -24.42 -8.88
C ILE E 49 -19.34 -24.45 -7.36
N ARG E 50 -20.40 -24.85 -6.64
CA ARG E 50 -20.41 -24.90 -5.15
C ARG E 50 -19.33 -25.89 -4.68
N GLY E 51 -19.22 -27.03 -5.33
CA GLY E 51 -18.23 -28.07 -5.01
C GLY E 51 -16.81 -27.54 -5.09
N THR E 52 -16.45 -26.88 -6.21
CA THR E 52 -15.10 -26.33 -6.44
C THR E 52 -14.84 -25.17 -5.47
N LEU E 53 -15.84 -24.34 -5.20
CA LEU E 53 -15.73 -23.20 -4.26
C LEU E 53 -15.41 -23.73 -2.85
N LEU E 54 -16.18 -24.72 -2.38
CA LEU E 54 -16.05 -25.29 -1.02
C LEU E 54 -14.64 -25.84 -0.83
N LEU E 55 -14.13 -26.59 -1.80
CA LEU E 55 -12.74 -27.10 -1.84
C LEU E 55 -11.77 -25.93 -1.63
N SER E 56 -11.98 -24.84 -2.38
CA SER E 56 -11.13 -23.63 -2.37
C SER E 56 -11.22 -22.92 -1.01
N LEU E 57 -12.42 -22.74 -0.47
CA LEU E 57 -12.67 -22.06 0.83
C LEU E 57 -11.95 -22.82 1.95
N ALA E 58 -11.93 -24.15 1.89
CA ALA E 58 -11.28 -25.04 2.88
C ALA E 58 -9.77 -24.77 2.88
N PHE E 59 -9.14 -24.76 1.69
CA PHE E 59 -7.69 -24.49 1.50
C PHE E 59 -7.33 -23.12 2.10
N MET E 60 -8.19 -22.12 1.89
CA MET E 60 -7.96 -20.72 2.34
C MET E 60 -8.23 -20.59 3.84
N GLU E 61 -9.27 -21.26 4.35
CA GLU E 61 -9.63 -21.27 5.79
C GLU E 61 -8.45 -21.86 6.60
N ALA E 62 -7.84 -22.93 6.07
CA ALA E 62 -6.69 -23.64 6.70
C ALA E 62 -5.56 -22.64 6.95
N LEU E 63 -5.28 -21.76 6.00
CA LEU E 63 -4.21 -20.73 6.09
C LEU E 63 -4.36 -19.95 7.41
N THR E 64 -5.57 -19.50 7.73
CA THR E 64 -5.87 -18.69 8.94
C THR E 64 -5.86 -19.58 10.18
N ILE E 65 -6.29 -20.83 10.04
CA ILE E 65 -6.36 -21.81 11.16
C ILE E 65 -4.93 -22.09 11.66
N TYR E 66 -3.94 -22.12 10.77
CA TYR E 66 -2.50 -22.26 11.14
C TYR E 66 -2.14 -21.16 12.12
N GLY E 67 -2.63 -19.94 11.87
CA GLY E 67 -2.44 -18.78 12.76
C GLY E 67 -3.10 -18.98 14.10
N LEU E 68 -4.35 -19.47 14.10
CA LEU E 68 -5.13 -19.77 15.33
C LEU E 68 -4.40 -20.85 16.15
N VAL E 69 -3.94 -21.92 15.50
CA VAL E 69 -3.25 -23.06 16.16
C VAL E 69 -2.02 -22.53 16.92
N VAL E 70 -1.21 -21.69 16.27
CA VAL E 70 0.03 -21.11 16.87
C VAL E 70 -0.37 -20.23 18.06
N ALA E 71 -1.38 -19.38 17.89
CA ALA E 71 -1.90 -18.48 18.94
C ALA E 71 -2.33 -19.32 20.15
N LEU E 72 -3.13 -20.36 19.93
CA LEU E 72 -3.62 -21.27 21.01
C LEU E 72 -2.44 -21.97 21.69
N ALA E 73 -1.43 -22.38 20.91
CA ALA E 73 -0.19 -23.02 21.41
C ALA E 73 0.56 -22.04 22.31
N LEU E 74 0.68 -20.78 21.89
CA LEU E 74 1.39 -19.69 22.63
C LEU E 74 0.68 -19.41 23.96
N LEU E 75 -0.65 -19.55 24.00
CA LEU E 75 -1.48 -19.24 25.19
C LEU E 75 -1.56 -20.45 26.13
N PHE E 76 -1.84 -21.65 25.61
CA PHE E 76 -2.32 -22.82 26.40
C PHE E 76 -1.39 -24.02 26.32
N ALA E 77 -0.33 -23.98 25.50
CA ALA E 77 0.68 -25.06 25.38
C ALA E 77 2.07 -24.46 25.25
N ASN E 78 2.31 -23.35 25.97
CA ASN E 78 3.55 -22.55 25.89
C ASN E 78 4.67 -23.32 26.59
N PRO E 79 5.76 -23.67 25.87
CA PRO E 79 6.84 -24.46 26.44
C PRO E 79 7.93 -23.66 27.16
N PHE E 80 7.80 -22.33 27.20
CA PHE E 80 8.83 -21.39 27.72
C PHE E 80 8.34 -20.72 29.01
N VAL E 81 7.02 -20.58 29.18
CA VAL E 81 6.38 -19.97 30.39
C VAL E 81 6.00 -21.10 31.35
N MET F 1 18.32 -12.01 29.05
CA MET F 1 19.37 -13.06 28.94
C MET F 1 18.71 -14.35 28.43
N ASN F 2 18.44 -15.28 29.34
N ASN F 2 18.44 -15.28 29.34
CA ASN F 2 17.75 -16.57 29.03
CA ASN F 2 17.75 -16.57 29.06
C ASN F 2 16.32 -16.26 28.56
C ASN F 2 16.33 -16.27 28.56
N PRO F 3 15.62 -15.30 29.19
CA PRO F 3 14.28 -14.91 28.74
C PRO F 3 14.24 -14.28 27.33
N LEU F 4 15.29 -13.57 26.93
CA LEU F 4 15.33 -12.82 25.65
C LEU F 4 15.17 -13.78 24.47
N ILE F 5 15.85 -14.94 24.50
CA ILE F 5 15.83 -15.95 23.41
C ILE F 5 14.40 -16.48 23.25
N ALA F 6 13.77 -16.89 24.35
CA ALA F 6 12.38 -17.39 24.39
C ALA F 6 11.43 -16.30 23.89
N ALA F 7 11.61 -15.06 24.37
CA ALA F 7 10.78 -13.89 24.01
C ALA F 7 10.88 -13.64 22.50
N ALA F 8 12.09 -13.66 21.96
CA ALA F 8 12.37 -13.46 20.51
C ALA F 8 11.71 -14.60 19.72
N SER F 9 11.80 -15.83 20.24
CA SER F 9 11.32 -17.07 19.58
C SER F 9 9.80 -17.01 19.37
N VAL F 10 9.03 -16.61 20.39
CA VAL F 10 7.54 -16.58 20.33
C VAL F 10 7.11 -15.48 19.36
N ILE F 11 7.79 -14.32 19.37
CA ILE F 11 7.52 -13.19 18.43
C ILE F 11 7.76 -13.70 17.00
N ALA F 12 8.91 -14.35 16.77
CA ALA F 12 9.32 -14.91 15.47
C ALA F 12 8.25 -15.88 14.97
N ALA F 13 7.73 -16.75 15.85
CA ALA F 13 6.70 -17.77 15.54
C ALA F 13 5.42 -17.08 15.07
N GLY F 14 4.94 -16.08 15.80
CA GLY F 14 3.74 -15.29 15.46
C GLY F 14 3.87 -14.65 14.08
N LEU F 15 5.01 -13.98 13.84
CA LEU F 15 5.34 -13.32 12.55
C LEU F 15 5.36 -14.35 11.42
N ALA F 16 6.05 -15.47 11.63
CA ALA F 16 6.27 -16.54 10.63
C ALA F 16 4.91 -17.00 10.07
N VAL F 17 3.98 -17.37 10.95
CA VAL F 17 2.66 -17.96 10.56
C VAL F 17 1.72 -16.85 10.09
N GLY F 18 1.77 -15.69 10.76
CA GLY F 18 0.93 -14.52 10.43
C GLY F 18 1.17 -14.01 9.02
N LEU F 19 2.42 -13.69 8.69
CA LEU F 19 2.83 -13.09 7.38
C LEU F 19 2.67 -14.11 6.25
N ALA F 20 2.81 -15.41 6.54
CA ALA F 20 2.97 -16.49 5.54
C ALA F 20 1.66 -16.76 4.79
N SER F 21 0.52 -16.25 5.29
CA SER F 21 -0.83 -16.51 4.74
C SER F 21 -1.29 -15.36 3.84
N ILE F 22 -0.59 -14.22 3.87
CA ILE F 22 -1.02 -12.98 3.14
C ILE F 22 -1.03 -13.25 1.65
N GLY F 23 0.12 -13.64 1.08
CA GLY F 23 0.27 -13.91 -0.37
C GLY F 23 -0.61 -15.09 -0.81
N PRO F 24 -0.36 -16.30 -0.26
CA PRO F 24 -1.14 -17.48 -0.62
C PRO F 24 -2.67 -17.28 -0.44
N GLY F 25 -3.08 -16.53 0.58
CA GLY F 25 -4.49 -16.16 0.80
C GLY F 25 -5.08 -15.48 -0.43
N VAL F 26 -4.44 -14.39 -0.88
CA VAL F 26 -4.87 -13.60 -2.07
C VAL F 26 -4.81 -14.50 -3.31
N GLY F 27 -3.69 -15.23 -3.46
CA GLY F 27 -3.41 -16.09 -4.63
C GLY F 27 -4.45 -17.18 -4.81
N GLN F 28 -4.75 -17.93 -3.75
CA GLN F 28 -5.72 -19.06 -3.78
C GLN F 28 -7.08 -18.52 -4.23
N GLY F 29 -7.45 -17.32 -3.74
CA GLY F 29 -8.72 -16.65 -4.11
C GLY F 29 -8.77 -16.34 -5.60
N THR F 30 -7.68 -15.78 -6.15
CA THR F 30 -7.56 -15.45 -7.59
C THR F 30 -7.78 -16.72 -8.41
N ALA F 31 -7.04 -17.78 -8.10
CA ALA F 31 -7.10 -19.08 -8.80
C ALA F 31 -8.51 -19.66 -8.72
N ALA F 32 -9.05 -19.76 -7.50
CA ALA F 32 -10.38 -20.37 -7.23
C ALA F 32 -11.47 -19.58 -7.97
N GLY F 33 -11.37 -18.25 -7.97
CA GLY F 33 -12.33 -17.36 -8.64
C GLY F 33 -12.42 -17.62 -10.13
N GLN F 34 -11.26 -17.73 -10.81
CA GLN F 34 -11.20 -17.97 -12.27
CA GLN F 34 -11.20 -17.96 -12.27
C GLN F 34 -11.63 -19.40 -12.57
N ALA F 35 -11.37 -20.32 -11.64
CA ALA F 35 -11.77 -21.76 -11.74
C ALA F 35 -13.29 -21.87 -11.85
N VAL F 36 -14.04 -21.27 -10.92
CA VAL F 36 -15.53 -21.36 -10.87
C VAL F 36 -16.13 -20.57 -12.05
N GLU F 37 -15.49 -19.47 -12.44
CA GLU F 37 -15.87 -18.68 -13.64
C GLU F 37 -15.74 -19.59 -14.87
N GLY F 38 -14.62 -20.33 -14.96
CA GLY F 38 -14.35 -21.27 -16.06
C GLY F 38 -15.39 -22.39 -16.11
N ILE F 39 -15.75 -22.95 -14.94
CA ILE F 39 -16.75 -24.05 -14.82
C ILE F 39 -18.10 -23.54 -15.34
N ALA F 40 -18.49 -22.32 -14.95
CA ALA F 40 -19.76 -21.67 -15.39
C ALA F 40 -19.77 -21.54 -16.92
N ARG F 41 -18.65 -21.12 -17.50
CA ARG F 41 -18.49 -20.88 -18.95
C ARG F 41 -18.46 -22.22 -19.69
N GLN F 42 -17.80 -23.24 -19.11
CA GLN F 42 -17.51 -24.54 -19.78
C GLN F 42 -17.71 -25.67 -18.78
N PRO F 43 -18.97 -26.02 -18.41
CA PRO F 43 -19.23 -27.00 -17.36
C PRO F 43 -18.61 -28.38 -17.62
N GLU F 44 -18.42 -28.72 -18.90
CA GLU F 44 -17.90 -30.04 -19.36
C GLU F 44 -16.41 -30.15 -19.02
N ALA F 45 -15.76 -29.04 -18.69
CA ALA F 45 -14.30 -28.95 -18.42
C ALA F 45 -14.03 -28.91 -16.91
N GLU F 46 -15.04 -29.16 -16.09
CA GLU F 46 -14.96 -29.13 -14.60
C GLU F 46 -13.75 -29.96 -14.12
N GLY F 47 -13.64 -31.21 -14.58
CA GLY F 47 -12.58 -32.16 -14.18
C GLY F 47 -11.19 -31.59 -14.44
N LYS F 48 -10.94 -31.14 -15.67
CA LYS F 48 -9.66 -30.52 -16.09
C LYS F 48 -9.37 -29.28 -15.23
N ILE F 49 -10.39 -28.43 -15.04
CA ILE F 49 -10.27 -27.15 -14.27
C ILE F 49 -9.97 -27.48 -12.80
N ARG F 50 -10.74 -28.38 -12.18
CA ARG F 50 -10.60 -28.77 -10.75
C ARG F 50 -9.20 -29.37 -10.55
N GLY F 51 -8.74 -30.22 -11.48
CA GLY F 51 -7.42 -30.86 -11.42
C GLY F 51 -6.30 -29.84 -11.36
N THR F 52 -6.30 -28.87 -12.28
CA THR F 52 -5.28 -27.81 -12.39
C THR F 52 -5.35 -26.90 -11.15
N LEU F 53 -6.56 -26.57 -10.69
CA LEU F 53 -6.79 -25.71 -9.50
C LEU F 53 -6.18 -26.39 -8.26
N LEU F 54 -6.49 -27.66 -8.05
CA LEU F 54 -6.06 -28.44 -6.86
C LEU F 54 -4.53 -28.46 -6.80
N LEU F 55 -3.89 -28.75 -7.93
CA LEU F 55 -2.41 -28.71 -8.08
C LEU F 55 -1.91 -27.33 -7.61
N SER F 56 -2.55 -26.25 -8.08
CA SER F 56 -2.17 -24.85 -7.80
C SER F 56 -2.38 -24.53 -6.31
N LEU F 57 -3.52 -24.93 -5.74
CA LEU F 57 -3.86 -24.68 -4.32
C LEU F 57 -2.82 -25.35 -3.42
N ALA F 58 -2.35 -26.54 -3.79
CA ALA F 58 -1.32 -27.32 -3.05
C ALA F 58 -0.01 -26.54 -3.01
N PHE F 59 0.45 -26.06 -4.17
CA PHE F 59 1.69 -25.25 -4.31
C PHE F 59 1.62 -24.00 -3.43
N MET F 60 0.45 -23.36 -3.37
CA MET F 60 0.24 -22.09 -2.61
C MET F 60 0.08 -22.40 -1.11
N GLU F 61 -0.61 -23.49 -0.76
CA GLU F 61 -0.78 -23.94 0.64
C GLU F 61 0.58 -24.23 1.26
N ALA F 62 1.47 -24.87 0.49
CA ALA F 62 2.85 -25.25 0.91
C ALA F 62 3.60 -23.99 1.38
N LEU F 63 3.45 -22.88 0.65
CA LEU F 63 4.12 -21.59 0.96
C LEU F 63 3.85 -21.22 2.43
N THR F 64 2.59 -21.30 2.86
CA THR F 64 2.15 -20.93 4.23
C THR F 64 2.60 -22.00 5.23
N ILE F 65 2.59 -23.27 4.81
CA ILE F 65 2.98 -24.42 5.68
C ILE F 65 4.45 -24.27 6.07
N TYR F 66 5.31 -23.76 5.18
CA TYR F 66 6.73 -23.46 5.49
C TYR F 66 6.79 -22.52 6.70
N GLY F 67 5.90 -21.52 6.73
CA GLY F 67 5.75 -20.59 7.86
C GLY F 67 5.33 -21.30 9.13
N LEU F 68 4.34 -22.19 9.03
CA LEU F 68 3.82 -23.00 10.16
C LEU F 68 4.94 -23.88 10.71
N VAL F 69 5.68 -24.56 9.84
CA VAL F 69 6.78 -25.50 10.20
C VAL F 69 7.81 -24.74 11.05
N VAL F 70 8.23 -23.56 10.60
CA VAL F 70 9.25 -22.71 11.28
C VAL F 70 8.69 -22.29 12.65
N ALA F 71 7.44 -21.84 12.69
CA ALA F 71 6.75 -21.41 13.94
C ALA F 71 6.74 -22.58 14.94
N LEU F 72 6.33 -23.76 14.50
CA LEU F 72 6.25 -24.99 15.34
C LEU F 72 7.66 -25.37 15.81
N ALA F 73 8.68 -25.22 14.94
CA ALA F 73 10.09 -25.49 15.26
C ALA F 73 10.56 -24.53 16.36
N LEU F 74 10.20 -23.25 16.24
CA LEU F 74 10.59 -22.17 17.20
C LEU F 74 9.95 -22.45 18.57
N LEU F 75 8.77 -23.07 18.60
CA LEU F 75 8.02 -23.34 19.86
C LEU F 75 8.45 -24.68 20.46
N PHE F 76 8.50 -25.75 19.67
CA PHE F 76 8.50 -27.16 20.16
C PHE F 76 9.75 -27.94 19.73
N ALA F 77 10.66 -27.33 18.97
CA ALA F 77 11.97 -27.92 18.59
C ALA F 77 13.05 -26.85 18.62
N ASN F 78 12.96 -25.92 19.58
CA ASN F 78 13.84 -24.73 19.70
C ASN F 78 15.21 -25.18 20.17
N PRO F 79 16.28 -24.95 19.35
CA PRO F 79 17.61 -25.43 19.70
C PRO F 79 18.46 -24.47 20.55
N PHE F 80 17.90 -23.30 20.89
CA PHE F 80 18.63 -22.18 21.55
C PHE F 80 18.12 -21.98 22.98
N VAL F 81 16.86 -22.36 23.26
CA VAL F 81 16.23 -22.25 24.61
C VAL F 81 16.41 -23.59 25.34
N MET G 1 24.71 -10.98 24.84
CA MET G 1 25.98 -11.56 24.32
C MET G 1 25.65 -12.82 23.52
N ASN G 2 25.80 -13.99 24.17
N ASN G 2 25.79 -13.99 24.16
CA ASN G 2 25.47 -15.32 23.58
CA ASN G 2 25.47 -15.30 23.55
C ASN G 2 23.97 -15.38 23.29
C ASN G 2 23.97 -15.38 23.29
N PRO G 3 23.11 -14.86 24.21
CA PRO G 3 21.67 -14.81 23.96
C PRO G 3 21.26 -13.92 22.78
N LEU G 4 21.97 -12.82 22.55
CA LEU G 4 21.60 -11.81 21.53
C LEU G 4 21.63 -12.44 20.13
N ILE G 5 22.66 -13.25 19.85
CA ILE G 5 22.85 -13.91 18.52
C ILE G 5 21.69 -14.87 18.27
N ALA G 6 21.35 -15.72 19.25
CA ALA G 6 20.24 -16.68 19.19
C ALA G 6 18.92 -15.92 19.02
N ALA G 7 18.72 -14.84 19.78
CA ALA G 7 17.50 -13.99 19.74
C ALA G 7 17.34 -13.40 18.35
N ALA G 8 18.43 -12.84 17.79
CA ALA G 8 18.47 -12.24 16.45
C ALA G 8 18.17 -13.33 15.39
N SER G 9 18.73 -14.53 15.60
CA SER G 9 18.63 -15.68 14.66
C SER G 9 17.18 -16.13 14.50
N VAL G 10 16.43 -16.27 15.60
CA VAL G 10 15.02 -16.76 15.56
C VAL G 10 14.14 -15.71 14.89
N ILE G 11 14.38 -14.43 15.18
CA ILE G 11 13.66 -13.29 14.53
C ILE G 11 13.93 -13.35 13.02
N ALA G 12 15.19 -13.47 12.63
CA ALA G 12 15.64 -13.54 11.22
C ALA G 12 14.93 -14.70 10.51
N ALA G 13 14.83 -15.86 11.18
CA ALA G 13 14.20 -17.08 10.63
C ALA G 13 12.72 -16.81 10.35
N GLY G 14 12.00 -16.25 11.31
CA GLY G 14 10.57 -15.88 11.18
C GLY G 14 10.34 -14.94 10.01
N LEU G 15 11.14 -13.88 9.92
CA LEU G 15 11.09 -12.86 8.84
C LEU G 15 11.35 -13.53 7.49
N ALA G 16 12.41 -14.35 7.41
CA ALA G 16 12.87 -15.02 6.16
C ALA G 16 11.72 -15.80 5.53
N VAL G 17 11.06 -16.67 6.31
CA VAL G 17 9.99 -17.60 5.81
C VAL G 17 8.69 -16.82 5.65
N GLY G 18 8.40 -15.90 6.58
CA GLY G 18 7.17 -15.08 6.58
C GLY G 18 7.06 -14.21 5.34
N LEU G 19 8.08 -13.40 5.06
CA LEU G 19 8.10 -12.41 3.95
C LEU G 19 8.17 -13.13 2.60
N ALA G 20 8.81 -14.30 2.56
CA ALA G 20 9.23 -15.00 1.31
C ALA G 20 8.02 -15.56 0.55
N SER G 21 6.84 -15.61 1.17
CA SER G 21 5.62 -16.24 0.59
C SER G 21 4.68 -15.17 0.02
N ILE G 22 4.93 -13.88 0.30
CA ILE G 22 4.02 -12.77 -0.08
C ILE G 22 3.95 -12.69 -1.61
N GLY G 23 5.09 -12.49 -2.27
CA GLY G 23 5.17 -12.37 -3.74
C GLY G 23 4.74 -13.66 -4.44
N PRO G 24 5.43 -14.78 -4.19
CA PRO G 24 5.09 -16.07 -4.82
C PRO G 24 3.63 -16.48 -4.57
N GLY G 25 3.08 -16.16 -3.40
CA GLY G 25 1.66 -16.40 -3.08
C GLY G 25 0.74 -15.73 -4.10
N VAL G 26 0.91 -14.42 -4.29
CA VAL G 26 0.12 -13.61 -5.25
C VAL G 26 0.39 -14.13 -6.67
N GLY G 27 1.66 -14.34 -7.01
CA GLY G 27 2.12 -14.76 -8.34
C GLY G 27 1.51 -16.09 -8.76
N GLN G 28 1.60 -17.11 -7.91
CA GLN G 28 1.09 -18.47 -8.21
C GLN G 28 -0.41 -18.39 -8.50
N GLY G 29 -1.13 -17.55 -7.74
CA GLY G 29 -2.58 -17.32 -7.93
C GLY G 29 -2.87 -16.74 -9.30
N THR G 30 -2.11 -15.73 -9.71
CA THR G 30 -2.25 -15.05 -11.03
C THR G 30 -2.09 -16.09 -12.13
N ALA G 31 -0.99 -16.86 -12.09
CA ALA G 31 -0.66 -17.90 -13.08
C ALA G 31 -1.77 -18.95 -13.12
N ALA G 32 -2.12 -19.51 -11.96
CA ALA G 32 -3.12 -20.60 -11.83
C ALA G 32 -4.47 -20.13 -12.35
N GLY G 33 -4.85 -18.88 -12.03
CA GLY G 33 -6.11 -18.28 -12.45
C GLY G 33 -6.25 -18.22 -13.96
N GLN G 34 -5.20 -17.75 -14.66
CA GLN G 34 -5.21 -17.62 -16.14
CA GLN G 34 -5.20 -17.62 -16.14
C GLN G 34 -5.12 -19.01 -16.77
N ALA G 35 -4.48 -19.96 -16.08
CA ALA G 35 -4.37 -21.37 -16.52
C ALA G 35 -5.76 -22.00 -16.64
N VAL G 36 -6.57 -21.93 -15.59
CA VAL G 36 -7.92 -22.56 -15.54
C VAL G 36 -8.86 -21.81 -16.48
N GLU G 37 -8.69 -20.49 -16.61
CA GLU G 37 -9.43 -19.65 -17.59
C GLU G 37 -9.11 -20.14 -19.00
N GLY G 38 -7.82 -20.39 -19.28
CA GLY G 38 -7.35 -20.93 -20.57
C GLY G 38 -7.93 -22.30 -20.87
N ILE G 39 -7.96 -23.19 -19.87
CA ILE G 39 -8.50 -24.57 -20.00
C ILE G 39 -9.99 -24.49 -20.37
N ALA G 40 -10.75 -23.61 -19.69
CA ALA G 40 -12.19 -23.39 -19.94
C ALA G 40 -12.40 -22.95 -21.39
N ARG G 41 -11.57 -22.03 -21.88
CA ARG G 41 -11.65 -21.46 -23.25
C ARG G 41 -11.22 -22.50 -24.27
N GLN G 42 -10.19 -23.31 -23.96
CA GLN G 42 -9.56 -24.25 -24.91
C GLN G 42 -9.24 -25.57 -24.19
N PRO G 43 -10.25 -26.41 -23.89
CA PRO G 43 -10.05 -27.63 -23.11
C PRO G 43 -9.02 -28.60 -23.71
N GLU G 44 -8.85 -28.56 -25.04
CA GLU G 44 -7.94 -29.47 -25.80
C GLU G 44 -6.48 -29.11 -25.52
N ALA G 45 -6.23 -27.92 -24.95
CA ALA G 45 -4.88 -27.37 -24.68
C ALA G 45 -4.48 -27.59 -23.22
N GLU G 46 -5.28 -28.35 -22.45
CA GLU G 46 -5.05 -28.62 -21.01
C GLU G 46 -3.61 -29.06 -20.77
N GLY G 47 -3.13 -30.06 -21.52
CA GLY G 47 -1.77 -30.63 -21.39
C GLY G 47 -0.69 -29.56 -21.50
N LYS G 48 -0.72 -28.78 -22.59
CA LYS G 48 0.22 -27.65 -22.85
C LYS G 48 0.13 -26.64 -21.71
N ILE G 49 -1.09 -26.28 -21.30
CA ILE G 49 -1.36 -25.25 -20.25
C ILE G 49 -0.82 -25.75 -18.91
N ARG G 50 -1.17 -26.99 -18.53
CA ARG G 50 -0.77 -27.61 -17.24
C ARG G 50 0.77 -27.70 -17.18
N GLY G 51 1.40 -28.09 -18.28
CA GLY G 51 2.87 -28.20 -18.39
C GLY G 51 3.55 -26.87 -18.10
N THR G 52 3.12 -25.80 -18.78
CA THR G 52 3.70 -24.44 -18.64
C THR G 52 3.43 -23.90 -17.23
N LEU G 53 2.24 -24.16 -16.68
CA LEU G 53 1.85 -23.71 -15.32
C LEU G 53 2.78 -24.36 -14.29
N LEU G 54 2.95 -25.68 -14.37
CA LEU G 54 3.76 -26.47 -13.41
C LEU G 54 5.20 -25.93 -13.39
N LEU G 55 5.78 -25.72 -14.57
CA LEU G 55 7.12 -25.09 -14.74
C LEU G 55 7.15 -23.76 -13.97
N SER G 56 6.13 -22.93 -14.16
CA SER G 56 6.00 -21.58 -13.55
C SER G 56 5.86 -21.68 -12.03
N LEU G 57 5.00 -22.59 -11.54
CA LEU G 57 4.74 -22.79 -10.09
C LEU G 57 6.04 -23.20 -9.40
N ALA G 58 6.87 -24.02 -10.06
CA ALA G 58 8.16 -24.51 -9.54
C ALA G 58 9.12 -23.32 -9.35
N PHE G 59 9.25 -22.47 -10.36
CA PHE G 59 10.11 -21.25 -10.34
C PHE G 59 9.69 -20.35 -9.17
N MET G 60 8.38 -20.20 -8.95
CA MET G 60 7.81 -19.30 -7.90
C MET G 60 7.94 -19.96 -6.51
N GLU G 61 7.71 -21.27 -6.43
CA GLU G 61 7.84 -22.05 -5.17
C GLU G 61 9.29 -21.95 -4.66
N ALA G 62 10.25 -22.03 -5.58
CA ALA G 62 11.71 -21.95 -5.29
C ALA G 62 12.02 -20.65 -4.54
N LEU G 63 11.42 -19.53 -4.98
CA LEU G 63 11.62 -18.20 -4.37
C LEU G 63 11.40 -18.29 -2.86
N THR G 64 10.30 -18.91 -2.43
CA THR G 64 9.91 -19.04 -1.00
C THR G 64 10.81 -20.07 -0.32
N ILE G 65 11.19 -21.12 -1.02
CA ILE G 65 12.05 -22.22 -0.48
C ILE G 65 13.41 -21.64 -0.08
N TYR G 66 13.93 -20.67 -0.82
CA TYR G 66 15.19 -19.95 -0.49
C TYR G 66 15.05 -19.35 0.91
N GLY G 67 13.87 -18.79 1.21
CA GLY G 67 13.51 -18.24 2.53
C GLY G 67 13.51 -19.32 3.59
N LEU G 68 12.89 -20.47 3.30
CA LEU G 68 12.80 -21.64 4.20
C LEU G 68 14.22 -22.16 4.49
N VAL G 69 15.05 -22.30 3.46
CA VAL G 69 16.43 -22.85 3.57
C VAL G 69 17.22 -21.98 4.56
N VAL G 70 17.16 -20.65 4.41
CA VAL G 70 17.88 -19.68 5.28
C VAL G 70 17.36 -19.81 6.71
N ALA G 71 16.03 -19.85 6.89
CA ALA G 71 15.36 -20.02 8.20
C ALA G 71 15.85 -21.31 8.88
N LEU G 72 15.85 -22.42 8.16
CA LEU G 72 16.30 -23.75 8.67
C LEU G 72 17.79 -23.69 9.03
N ALA G 73 18.59 -23.00 8.22
CA ALA G 73 20.03 -22.79 8.46
C ALA G 73 20.23 -21.98 9.75
N LEU G 74 19.44 -20.93 9.95
CA LEU G 74 19.51 -20.03 11.13
C LEU G 74 19.15 -20.81 12.40
N LEU G 75 18.27 -21.80 12.29
CA LEU G 75 17.77 -22.59 13.45
C LEU G 75 18.70 -23.79 13.72
N PHE G 76 19.06 -24.57 12.69
CA PHE G 76 19.61 -25.94 12.84
C PHE G 76 21.01 -26.10 12.23
N ALA G 77 21.57 -25.06 11.62
CA ALA G 77 22.95 -25.04 11.08
C ALA G 77 23.58 -23.67 11.33
N ASN G 78 23.28 -23.08 12.49
CA ASN G 78 23.69 -21.68 12.86
C ASN G 78 25.19 -21.68 13.16
N PRO G 79 25.98 -20.90 12.39
CA PRO G 79 27.44 -20.91 12.55
C PRO G 79 27.98 -19.94 13.60
N PHE G 80 27.09 -19.17 14.25
CA PHE G 80 27.46 -18.08 15.19
C PHE G 80 27.07 -18.43 16.63
N VAL G 81 26.06 -19.29 16.79
CA VAL G 81 25.60 -19.80 18.12
C VAL G 81 26.27 -21.15 18.39
N MET H 1 28.96 -6.23 21.31
CA MET H 1 30.28 -6.03 20.67
C MET H 1 30.50 -7.12 19.60
N ASN H 2 31.16 -8.21 19.97
N ASN H 2 31.16 -8.21 19.97
CA ASN H 2 31.41 -9.38 19.09
CA ASN H 2 31.41 -9.37 19.07
C ASN H 2 30.07 -10.02 18.73
C ASN H 2 30.07 -10.02 18.72
N PRO H 3 29.13 -10.14 19.70
CA PRO H 3 27.80 -10.68 19.40
C PRO H 3 26.96 -9.78 18.47
N LEU H 4 27.15 -8.46 18.53
CA LEU H 4 26.36 -7.47 17.74
C LEU H 4 26.54 -7.72 16.24
N ILE H 5 27.76 -8.00 15.79
CA ILE H 5 28.08 -8.23 14.35
C ILE H 5 27.32 -9.46 13.86
N ALA H 6 27.41 -10.57 14.61
CA ALA H 6 26.73 -11.84 14.31
C ALA H 6 25.21 -11.62 14.32
N ALA H 7 24.70 -10.90 15.32
CA ALA H 7 23.27 -10.58 15.49
C ALA H 7 22.77 -9.78 14.28
N ALA H 8 23.53 -8.76 13.87
CA ALA H 8 23.22 -7.90 12.70
C ALA H 8 23.24 -8.75 11.43
N SER H 9 24.20 -9.68 11.34
CA SER H 9 24.45 -10.53 10.15
C SER H 9 23.23 -11.44 9.88
N VAL H 10 22.70 -12.10 10.92
CA VAL H 10 21.57 -13.05 10.78
C VAL H 10 20.30 -12.27 10.41
N ILE H 11 20.10 -11.09 10.99
CA ILE H 11 18.95 -10.20 10.66
C ILE H 11 19.06 -9.81 9.18
N ALA H 12 20.24 -9.38 8.74
CA ALA H 12 20.53 -8.97 7.35
C ALA H 12 20.20 -10.13 6.40
N ALA H 13 20.59 -11.36 6.76
CA ALA H 13 20.38 -12.58 5.95
C ALA H 13 18.88 -12.82 5.77
N GLY H 14 18.11 -12.77 6.86
CA GLY H 14 16.64 -12.93 6.84
C GLY H 14 15.96 -11.91 5.93
N LEU H 15 16.33 -10.64 6.08
CA LEU H 15 15.81 -9.51 5.28
C LEU H 15 16.15 -9.73 3.80
N ALA H 16 17.42 -10.06 3.50
CA ALA H 16 17.95 -10.22 2.14
C ALA H 16 17.08 -11.22 1.36
N VAL H 17 16.85 -12.41 1.91
CA VAL H 17 16.13 -13.53 1.21
C VAL H 17 14.63 -13.27 1.27
N GLY H 18 14.13 -12.75 2.39
CA GLY H 18 12.70 -12.43 2.60
C GLY H 18 12.18 -11.41 1.59
N LEU H 19 12.83 -10.24 1.52
CA LEU H 19 12.40 -9.09 0.66
C LEU H 19 12.59 -9.43 -0.83
N ALA H 20 13.59 -10.26 -1.15
CA ALA H 20 14.10 -10.46 -2.52
C ALA H 20 13.09 -11.22 -3.39
N SER H 21 12.07 -11.85 -2.79
CA SER H 21 11.09 -12.72 -3.48
C SER H 21 9.79 -11.96 -3.78
N ILE H 22 9.61 -10.77 -3.21
CA ILE H 22 8.32 -10.02 -3.29
C ILE H 22 8.09 -9.63 -4.75
N GLY H 23 9.00 -8.88 -5.36
CA GLY H 23 8.89 -8.42 -6.76
C GLY H 23 8.87 -9.59 -7.74
N PRO H 24 9.94 -10.40 -7.78
CA PRO H 24 10.01 -11.55 -8.70
C PRO H 24 8.83 -12.51 -8.55
N GLY H 25 8.32 -12.69 -7.33
CA GLY H 25 7.12 -13.50 -7.05
C GLY H 25 5.94 -13.00 -7.86
N VAL H 26 5.61 -11.71 -7.75
CA VAL H 26 4.48 -11.06 -8.47
C VAL H 26 4.76 -11.12 -9.97
N GLY H 27 5.99 -10.78 -10.38
CA GLY H 27 6.41 -10.72 -11.79
C GLY H 27 6.28 -12.05 -12.50
N GLN H 28 6.80 -13.11 -11.90
CA GLN H 28 6.79 -14.48 -12.49
C GLN H 28 5.33 -14.89 -12.74
N GLY H 29 4.44 -14.56 -11.79
CA GLY H 29 3.00 -14.85 -11.89
C GLY H 29 2.37 -14.14 -13.08
N THR H 30 2.68 -12.85 -13.25
CA THR H 30 2.17 -12.01 -14.37
C THR H 30 2.58 -12.67 -15.70
N ALA H 31 3.87 -12.97 -15.86
CA ALA H 31 4.46 -13.58 -17.07
C ALA H 31 3.78 -14.93 -17.34
N ALA H 32 3.77 -15.82 -16.34
CA ALA H 32 3.25 -17.20 -16.44
C ALA H 32 1.76 -17.15 -16.80
N GLY H 33 1.01 -16.24 -16.19
CA GLY H 33 -0.43 -16.07 -16.43
C GLY H 33 -0.73 -15.74 -17.89
N GLN H 34 0.01 -14.79 -18.47
CA GLN H 34 -0.20 -14.35 -19.88
CA GLN H 34 -0.20 -14.35 -19.88
C GLN H 34 0.30 -15.45 -20.82
N ALA H 35 1.30 -16.21 -20.40
CA ALA H 35 1.87 -17.35 -21.16
C ALA H 35 0.79 -18.41 -21.39
N VAL H 36 0.12 -18.87 -20.34
CA VAL H 36 -0.91 -19.95 -20.42
C VAL H 36 -2.15 -19.41 -21.15
N GLU H 37 -2.47 -18.14 -20.96
CA GLU H 37 -3.56 -17.44 -21.70
C GLU H 37 -3.23 -17.46 -23.20
N GLY H 38 -1.98 -17.15 -23.54
CA GLY H 38 -1.47 -17.18 -24.94
C GLY H 38 -1.57 -18.56 -25.55
N ILE H 39 -1.17 -19.59 -24.79
CA ILE H 39 -1.21 -21.02 -25.24
C ILE H 39 -2.66 -21.41 -25.54
N ALA H 40 -3.61 -21.03 -24.67
CA ALA H 40 -5.05 -21.30 -24.84
C ALA H 40 -5.55 -20.65 -26.14
N ARG H 41 -5.13 -19.41 -26.40
CA ARG H 41 -5.55 -18.61 -27.59
C ARG H 41 -4.88 -19.19 -28.85
N GLN H 42 -3.62 -19.62 -28.75
CA GLN H 42 -2.78 -20.02 -29.91
C GLN H 42 -1.96 -21.26 -29.54
N PRO H 43 -2.59 -22.45 -29.44
CA PRO H 43 -1.91 -23.66 -28.96
C PRO H 43 -0.67 -24.05 -29.77
N GLU H 44 -0.65 -23.69 -31.06
CA GLU H 44 0.43 -24.05 -32.01
C GLU H 44 1.70 -23.25 -31.70
N ALA H 45 1.58 -22.19 -30.88
CA ALA H 45 2.68 -21.26 -30.54
C ALA H 45 3.26 -21.59 -29.15
N GLU H 46 2.88 -22.74 -28.59
CA GLU H 46 3.33 -23.21 -27.25
C GLU H 46 4.85 -23.11 -27.14
N GLY H 47 5.58 -23.66 -28.11
CA GLY H 47 7.06 -23.69 -28.13
C GLY H 47 7.65 -22.31 -28.01
N LYS H 48 7.24 -21.38 -28.88
CA LYS H 48 7.69 -19.97 -28.87
C LYS H 48 7.36 -19.33 -27.51
N ILE H 49 6.14 -19.54 -27.02
CA ILE H 49 5.64 -18.93 -25.75
C ILE H 49 6.43 -19.49 -24.57
N ARG H 50 6.58 -20.82 -24.49
CA ARG H 50 7.31 -21.51 -23.39
C ARG H 50 8.77 -21.06 -23.38
N GLY H 51 9.39 -20.94 -24.55
CA GLY H 51 10.79 -20.49 -24.71
C GLY H 51 10.99 -19.09 -24.12
N THR H 52 10.14 -18.14 -24.52
CA THR H 52 10.22 -16.73 -24.06
C THR H 52 9.92 -16.66 -22.55
N LEU H 53 8.96 -17.44 -22.07
CA LEU H 53 8.57 -17.47 -20.63
C LEU H 53 9.77 -17.95 -19.80
N LEU H 54 10.40 -19.05 -20.20
CA LEU H 54 11.53 -19.69 -19.48
C LEU H 54 12.66 -18.68 -19.34
N LEU H 55 13.03 -18.02 -20.44
CA LEU H 55 14.02 -16.92 -20.47
C LEU H 55 13.66 -15.86 -19.43
N SER H 56 12.38 -15.45 -19.39
CA SER H 56 11.85 -14.40 -18.50
C SER H 56 11.91 -14.86 -17.03
N LEU H 57 11.49 -16.10 -16.76
CA LEU H 57 11.47 -16.68 -15.39
C LEU H 57 12.90 -16.71 -14.84
N ALA H 58 13.89 -17.02 -15.68
CA ALA H 58 15.32 -17.08 -15.32
C ALA H 58 15.80 -15.69 -14.88
N PHE H 59 15.52 -14.65 -15.67
CA PHE H 59 15.89 -13.25 -15.38
C PHE H 59 15.31 -12.83 -14.02
N MET H 60 14.07 -13.22 -13.74
CA MET H 60 13.34 -12.82 -12.49
C MET H 60 13.83 -13.67 -11.31
N GLU H 61 14.08 -14.96 -11.53
CA GLU H 61 14.62 -15.89 -10.49
C GLU H 61 15.97 -15.37 -10.01
N ALA H 62 16.82 -14.90 -10.94
CA ALA H 62 18.18 -14.37 -10.66
C ALA H 62 18.09 -13.24 -9.63
N LEU H 63 17.09 -12.36 -9.76
CA LEU H 63 16.86 -11.21 -8.85
C LEU H 63 16.84 -11.72 -7.40
N THR H 64 16.08 -12.78 -7.13
CA THR H 64 15.89 -13.35 -5.77
C THR H 64 17.17 -14.10 -5.36
N ILE H 65 17.83 -14.77 -6.31
CA ILE H 65 19.07 -15.56 -6.06
C ILE H 65 20.17 -14.63 -5.54
N TYR H 66 20.24 -13.38 -6.04
CA TYR H 66 21.19 -12.35 -5.55
C TYR H 66 20.99 -12.19 -4.04
N GLY H 67 19.72 -12.17 -3.60
CA GLY H 67 19.34 -12.11 -2.18
C GLY H 67 19.82 -13.32 -1.41
N LEU H 68 19.61 -14.52 -1.98
CA LEU H 68 20.04 -15.81 -1.38
C LEU H 68 21.57 -15.82 -1.23
N VAL H 69 22.29 -15.42 -2.28
CA VAL H 69 23.78 -15.42 -2.31
C VAL H 69 24.30 -14.55 -1.16
N VAL H 70 23.75 -13.36 -0.98
CA VAL H 70 24.17 -12.40 0.08
C VAL H 70 23.87 -13.01 1.45
N ALA H 71 22.68 -13.58 1.63
CA ALA H 71 22.26 -14.27 2.88
C ALA H 71 23.25 -15.38 3.21
N LEU H 72 23.57 -16.24 2.24
CA LEU H 72 24.51 -17.38 2.42
C LEU H 72 25.92 -16.85 2.75
N ALA H 73 26.32 -15.74 2.12
CA ALA H 73 27.62 -15.06 2.38
C ALA H 73 27.66 -14.55 3.82
N LEU H 74 26.55 -13.94 4.28
CA LEU H 74 26.42 -13.37 5.64
C LEU H 74 26.51 -14.49 6.70
N LEU H 75 26.03 -15.69 6.36
CA LEU H 75 25.97 -16.84 7.31
C LEU H 75 27.30 -17.63 7.26
N PHE H 76 27.81 -17.96 6.07
CA PHE H 76 28.83 -19.02 5.88
C PHE H 76 30.13 -18.49 5.25
N ALA H 77 30.20 -17.21 4.89
CA ALA H 77 31.42 -16.56 4.35
C ALA H 77 31.55 -15.14 4.92
N ASN H 78 31.18 -14.98 6.19
CA ASN H 78 31.10 -13.66 6.87
C ASN H 78 32.51 -13.16 7.15
N PRO H 79 32.90 -12.00 6.61
CA PRO H 79 34.27 -11.49 6.75
C PRO H 79 34.50 -10.63 8.00
N PHE H 80 33.46 -10.42 8.81
CA PHE H 80 33.47 -9.49 9.98
C PHE H 80 33.39 -10.29 11.29
N VAL H 81 32.78 -11.48 11.26
CA VAL H 81 32.63 -12.39 12.43
C VAL H 81 33.77 -13.42 12.38
N MET I 1 31.20 0.52 18.77
CA MET I 1 32.25 1.37 18.12
C MET I 1 32.73 0.69 16.84
N ASN I 2 33.80 -0.11 16.95
N ASN I 2 33.80 -0.12 16.94
CA ASN I 2 34.37 -0.90 15.82
CA ASN I 2 34.35 -0.88 15.80
C ASN I 2 33.34 -1.93 15.36
C ASN I 2 33.33 -1.92 15.35
N PRO I 3 32.62 -2.59 16.29
CA PRO I 3 31.56 -3.53 15.92
C PRO I 3 30.36 -2.87 15.21
N LEU I 4 30.04 -1.62 15.57
CA LEU I 4 28.87 -0.87 15.06
C LEU I 4 28.97 -0.71 13.53
N ILE I 5 30.16 -0.40 13.01
CA ILE I 5 30.39 -0.19 11.55
C ILE I 5 30.10 -1.48 10.79
N ALA I 6 30.66 -2.61 11.27
CA ALA I 6 30.46 -3.95 10.68
C ALA I 6 28.98 -4.33 10.76
N ALA I 7 28.35 -4.09 11.91
CA ALA I 7 26.92 -4.39 12.17
C ALA I 7 26.05 -3.61 11.19
N ALA I 8 26.34 -2.31 11.03
CA ALA I 8 25.61 -1.40 10.12
C ALA I 8 25.80 -1.88 8.68
N SER I 9 27.03 -2.32 8.35
CA SER I 9 27.46 -2.72 6.98
C SER I 9 26.65 -3.93 6.51
N VAL I 10 26.50 -4.96 7.36
CA VAL I 10 25.79 -6.22 6.99
C VAL I 10 24.29 -5.92 6.82
N ILE I 11 23.72 -5.08 7.69
CA ILE I 11 22.31 -4.63 7.59
C ILE I 11 22.11 -3.90 6.26
N ALA I 12 23.01 -2.96 5.95
CA ALA I 12 22.98 -2.16 4.71
C ALA I 12 23.01 -3.08 3.49
N ALA I 13 23.85 -4.12 3.53
CA ALA I 13 24.02 -5.11 2.43
C ALA I 13 22.69 -5.85 2.21
N GLY I 14 22.08 -6.34 3.28
CA GLY I 14 20.78 -7.04 3.24
C GLY I 14 19.70 -6.18 2.62
N LEU I 15 19.59 -4.93 3.09
CA LEU I 15 18.61 -3.92 2.59
C LEU I 15 18.85 -3.66 1.11
N ALA I 16 20.11 -3.40 0.73
CA ALA I 16 20.53 -3.05 -0.64
C ALA I 16 20.01 -4.09 -1.65
N VAL I 17 20.29 -5.38 -1.40
CA VAL I 17 19.97 -6.49 -2.35
C VAL I 17 18.48 -6.84 -2.22
N GLY I 18 17.95 -6.81 -1.00
CA GLY I 18 16.54 -7.13 -0.71
C GLY I 18 15.58 -6.18 -1.43
N LEU I 19 15.74 -4.88 -1.21
CA LEU I 19 14.85 -3.80 -1.75
C LEU I 19 15.00 -3.70 -3.27
N ALA I 20 16.18 -4.00 -3.81
CA ALA I 20 16.58 -3.68 -5.20
C ALA I 20 15.82 -4.56 -6.22
N SER I 21 15.17 -5.63 -5.76
CA SER I 21 14.49 -6.63 -6.64
C SER I 21 12.99 -6.36 -6.72
N ILE I 22 12.45 -5.49 -5.87
CA ILE I 22 10.98 -5.26 -5.75
C ILE I 22 10.45 -4.69 -7.07
N GLY I 23 10.97 -3.53 -7.49
CA GLY I 23 10.55 -2.86 -8.73
C GLY I 23 10.86 -3.71 -9.97
N PRO I 24 12.14 -4.03 -10.22
CA PRO I 24 12.52 -4.82 -11.39
C PRO I 24 11.79 -6.17 -11.47
N GLY I 25 11.51 -6.78 -10.31
CA GLY I 25 10.72 -8.02 -10.22
C GLY I 25 9.36 -7.85 -10.88
N VAL I 26 8.60 -6.83 -10.44
CA VAL I 26 7.24 -6.52 -10.97
C VAL I 26 7.38 -6.13 -12.45
N GLY I 27 8.35 -5.28 -12.77
CA GLY I 27 8.58 -4.73 -14.13
C GLY I 27 8.86 -5.82 -15.14
N GLN I 28 9.79 -6.72 -14.84
CA GLN I 28 10.19 -7.83 -15.76
C GLN I 28 8.96 -8.68 -16.07
N GLY I 29 8.11 -8.93 -15.07
CA GLY I 29 6.87 -9.70 -15.21
C GLY I 29 5.90 -9.02 -16.18
N THR I 30 5.71 -7.71 -16.03
CA THR I 30 4.83 -6.89 -16.91
C THR I 30 5.31 -7.04 -18.36
N ALA I 31 6.59 -6.80 -18.60
CA ALA I 31 7.24 -6.87 -19.94
C ALA I 31 7.08 -8.28 -20.51
N ALA I 32 7.48 -9.30 -19.74
CA ALA I 32 7.46 -10.73 -20.17
C ALA I 32 6.02 -11.15 -20.51
N GLY I 33 5.06 -10.73 -19.69
CA GLY I 33 3.63 -11.05 -19.87
C GLY I 33 3.10 -10.55 -21.20
N GLN I 34 3.39 -9.28 -21.54
CA GLN I 34 2.92 -8.66 -22.80
CA GLN I 34 2.93 -8.65 -22.80
C GLN I 34 3.68 -9.27 -23.99
N ALA I 35 4.93 -9.68 -23.76
CA ALA I 35 5.79 -10.34 -24.77
C ALA I 35 5.12 -11.63 -25.26
N VAL I 36 4.77 -12.53 -24.33
CA VAL I 36 4.19 -13.87 -24.67
C VAL I 36 2.78 -13.68 -25.22
N GLU I 37 2.04 -12.68 -24.74
CA GLU I 37 0.71 -12.30 -25.27
C GLU I 37 0.87 -11.88 -26.73
N GLY I 38 1.90 -11.06 -27.02
CA GLY I 38 2.23 -10.61 -28.38
C GLY I 38 2.57 -11.78 -29.29
N ILE I 39 3.39 -12.71 -28.81
CA ILE I 39 3.81 -13.92 -29.58
C ILE I 39 2.57 -14.75 -29.93
N ALA I 40 1.65 -14.94 -28.99
CA ALA I 40 0.39 -15.69 -29.19
C ALA I 40 -0.43 -15.04 -30.30
N ARG I 41 -0.53 -13.70 -30.27
CA ARG I 41 -1.32 -12.88 -31.24
C ARG I 41 -0.61 -12.90 -32.60
N GLN I 42 0.72 -12.84 -32.62
CA GLN I 42 1.53 -12.65 -33.86
C GLN I 42 2.77 -13.52 -33.80
N PRO I 43 2.64 -14.87 -33.97
CA PRO I 43 3.75 -15.79 -33.80
C PRO I 43 4.96 -15.49 -34.71
N GLU I 44 4.70 -14.88 -35.87
CA GLU I 44 5.73 -14.59 -36.91
C GLU I 44 6.65 -13.46 -36.43
N ALA I 45 6.25 -12.74 -35.37
CA ALA I 45 6.97 -11.56 -34.83
C ALA I 45 7.78 -11.94 -33.58
N GLU I 46 7.88 -13.24 -33.28
CA GLU I 46 8.55 -13.78 -32.07
C GLU I 46 9.95 -13.17 -31.93
N GLY I 47 10.74 -13.23 -33.01
CA GLY I 47 12.14 -12.75 -33.05
C GLY I 47 12.23 -11.29 -32.63
N LYS I 48 11.46 -10.42 -33.27
CA LYS I 48 11.39 -8.96 -32.96
C LYS I 48 10.98 -8.78 -31.49
N ILE I 49 9.95 -9.49 -31.05
CA ILE I 49 9.38 -9.38 -29.67
C ILE I 49 10.42 -9.83 -28.65
N ARG I 50 11.03 -11.01 -28.86
CA ARG I 50 12.03 -11.60 -27.94
C ARG I 50 13.25 -10.68 -27.85
N GLY I 51 13.69 -10.12 -28.97
CA GLY I 51 14.82 -9.18 -29.03
C GLY I 51 14.57 -7.95 -28.17
N THR I 52 13.42 -7.30 -28.33
CA THR I 52 13.04 -6.07 -27.59
C THR I 52 12.86 -6.41 -26.10
N LEU I 53 12.28 -7.56 -25.79
CA LEU I 53 12.08 -8.03 -24.40
C LEU I 53 13.44 -8.19 -23.70
N LEU I 54 14.38 -8.89 -24.34
CA LEU I 54 15.72 -9.19 -23.79
C LEU I 54 16.45 -7.89 -23.47
N LEU I 55 16.42 -6.92 -24.40
CA LEU I 55 16.96 -5.56 -24.20
C LEU I 55 16.35 -4.96 -22.93
N SER I 56 15.03 -5.06 -22.78
CA SER I 56 14.26 -4.50 -21.63
C SER I 56 14.63 -5.20 -20.33
N LEU I 57 14.70 -6.55 -20.35
CA LEU I 57 15.04 -7.38 -19.17
C LEU I 57 16.43 -7.01 -18.66
N ALA I 58 17.37 -6.72 -19.56
CA ALA I 58 18.77 -6.34 -19.24
C ALA I 58 18.77 -5.01 -18.48
N PHE I 59 18.05 -4.01 -18.99
CA PHE I 59 17.92 -2.66 -18.36
C PHE I 59 17.37 -2.80 -16.93
N MET I 60 16.39 -3.68 -16.75
CA MET I 60 15.69 -3.89 -15.45
C MET I 60 16.57 -4.72 -14.50
N GLU I 61 17.26 -5.74 -15.03
CA GLU I 61 18.20 -6.61 -14.27
C GLU I 61 19.31 -5.74 -13.68
N ALA I 62 19.84 -4.79 -14.47
CA ALA I 62 20.92 -3.86 -14.09
C ALA I 62 20.53 -3.11 -12.81
N LEU I 63 19.28 -2.67 -12.72
CA LEU I 63 18.74 -1.92 -11.56
C LEU I 63 19.06 -2.70 -10.28
N THR I 64 18.77 -4.00 -10.26
CA THR I 64 18.94 -4.89 -9.07
C THR I 64 20.42 -5.18 -8.87
N ILE I 65 21.19 -5.31 -9.96
CA ILE I 65 22.65 -5.62 -9.93
C ILE I 65 23.38 -4.48 -9.22
N TYR I 66 22.95 -3.23 -9.40
CA TYR I 66 23.50 -2.05 -8.68
C TYR I 66 23.42 -2.30 -7.17
N GLY I 67 22.27 -2.86 -6.73
CA GLY I 67 22.05 -3.26 -5.33
C GLY I 67 22.99 -4.35 -4.89
N LEU I 68 23.17 -5.38 -5.73
CA LEU I 68 24.09 -6.52 -5.47
C LEU I 68 25.54 -6.00 -5.35
N VAL I 69 25.96 -5.14 -6.27
CA VAL I 69 27.34 -4.57 -6.32
C VAL I 69 27.63 -3.88 -4.99
N VAL I 70 26.71 -3.03 -4.51
CA VAL I 70 26.86 -2.26 -3.25
C VAL I 70 26.94 -3.25 -2.07
N ALA I 71 26.05 -4.23 -2.03
CA ALA I 71 26.02 -5.29 -1.00
C ALA I 71 27.37 -6.02 -0.95
N LEU I 72 27.87 -6.46 -2.11
CA LEU I 72 29.18 -7.18 -2.23
C LEU I 72 30.32 -6.27 -1.78
N ALA I 73 30.26 -4.97 -2.12
CA ALA I 73 31.26 -3.96 -1.70
C ALA I 73 31.24 -3.82 -0.17
N LEU I 74 30.04 -3.76 0.43
CA LEU I 74 29.85 -3.60 1.89
C LEU I 74 30.40 -4.83 2.64
N LEU I 75 30.33 -6.01 2.03
CA LEU I 75 30.77 -7.29 2.65
C LEU I 75 32.26 -7.53 2.41
N PHE I 76 32.75 -7.36 1.18
CA PHE I 76 34.06 -7.91 0.72
C PHE I 76 35.03 -6.83 0.24
N ALA I 77 34.63 -5.56 0.21
CA ALA I 77 35.51 -4.42 -0.18
C ALA I 77 35.16 -3.21 0.69
N ASN I 78 34.88 -3.45 1.98
CA ASN I 78 34.39 -2.43 2.95
C ASN I 78 35.53 -1.48 3.29
N PRO I 79 35.37 -0.16 3.01
CA PRO I 79 36.43 0.81 3.23
C PRO I 79 36.50 1.39 4.65
N PHE I 80 35.56 1.01 5.53
CA PHE I 80 35.39 1.61 6.88
C PHE I 80 35.74 0.59 7.97
N VAL I 81 35.62 -0.71 7.69
CA VAL I 81 35.95 -1.82 8.63
C VAL I 81 37.37 -2.30 8.32
N MET J 1 30.88 7.99 17.72
CA MET J 1 31.47 9.25 17.20
C MET J 1 32.00 9.04 15.78
N ASN J 2 33.28 8.66 15.64
CA ASN J 2 33.90 8.35 14.33
C ASN J 2 33.21 7.14 13.72
N PRO J 3 32.89 6.10 14.52
CA PRO J 3 32.14 4.95 14.03
C PRO J 3 30.70 5.29 13.58
N LEU J 4 30.06 6.24 14.23
CA LEU J 4 28.64 6.62 13.96
C LEU J 4 28.50 7.13 12.52
N ILE J 5 29.44 7.96 12.06
CA ILE J 5 29.43 8.57 10.70
C ILE J 5 29.52 7.45 9.66
N ALA J 6 30.48 6.54 9.83
CA ALA J 6 30.71 5.37 8.95
C ALA J 6 29.47 4.49 8.96
N ALA J 7 28.91 4.22 10.15
CA ALA J 7 27.71 3.37 10.35
C ALA J 7 26.52 3.98 9.61
N ALA J 8 26.32 5.30 9.76
CA ALA J 8 25.24 6.06 9.10
C ALA J 8 25.44 6.01 7.59
N SER J 9 26.69 6.13 7.15
CA SER J 9 27.10 6.22 5.72
C SER J 9 26.74 4.92 4.99
N VAL J 10 27.05 3.75 5.57
CA VAL J 10 26.80 2.43 4.93
C VAL J 10 25.29 2.19 4.86
N ILE J 11 24.55 2.57 5.90
CA ILE J 11 23.06 2.46 5.94
C ILE J 11 22.48 3.33 4.83
N ALA J 12 22.95 4.58 4.73
CA ALA J 12 22.51 5.56 3.71
C ALA J 12 22.75 4.99 2.31
N ALA J 13 23.91 4.36 2.09
CA ALA J 13 24.31 3.75 0.80
C ALA J 13 23.33 2.63 0.42
N GLY J 14 23.04 1.72 1.36
CA GLY J 14 22.08 0.61 1.16
C GLY J 14 20.70 1.12 0.79
N LEU J 15 20.20 2.11 1.52
CA LEU J 15 18.88 2.76 1.30
C LEU J 15 18.88 3.42 -0.09
N ALA J 16 19.91 4.19 -0.40
CA ALA J 16 20.05 4.97 -1.66
C ALA J 16 19.84 4.05 -2.87
N VAL J 17 20.59 2.93 -2.94
CA VAL J 17 20.58 2.02 -4.12
C VAL J 17 19.33 1.13 -4.06
N GLY J 18 18.94 0.70 -2.86
CA GLY J 18 17.75 -0.15 -2.65
C GLY J 18 16.46 0.53 -3.10
N LEU J 19 16.18 1.73 -2.58
CA LEU J 19 14.93 2.50 -2.85
C LEU J 19 14.88 2.97 -4.31
N ALA J 20 16.04 3.25 -4.91
CA ALA J 20 16.18 3.98 -6.19
C ALA J 20 15.70 3.14 -7.38
N SER J 21 15.51 1.83 -7.18
CA SER J 21 15.16 0.87 -8.26
C SER J 21 13.66 0.58 -8.26
N ILE J 22 12.94 0.99 -7.23
CA ILE J 22 11.49 0.63 -7.04
C ILE J 22 10.68 1.24 -8.18
N GLY J 23 10.72 2.57 -8.32
CA GLY J 23 9.97 3.31 -9.36
C GLY J 23 10.43 2.92 -10.76
N PRO J 24 11.72 3.15 -11.10
CA PRO J 24 12.24 2.82 -12.42
C PRO J 24 12.02 1.35 -12.81
N GLY J 25 12.11 0.45 -11.84
CA GLY J 25 11.82 -0.98 -12.04
C GLY J 25 10.42 -1.19 -12.62
N VAL J 26 9.41 -0.66 -11.94
CA VAL J 26 7.98 -0.76 -12.36
C VAL J 26 7.81 -0.04 -13.70
N GLY J 27 8.37 1.16 -13.82
CA GLY J 27 8.25 2.03 -15.01
C GLY J 27 8.79 1.38 -16.26
N GLN J 28 10.02 0.85 -16.19
CA GLN J 28 10.70 0.20 -17.35
C GLN J 28 9.84 -0.96 -17.83
N GLY J 29 9.25 -1.73 -16.91
CA GLY J 29 8.36 -2.85 -17.22
C GLY J 29 7.13 -2.40 -17.99
N THR J 30 6.49 -1.33 -17.52
CA THR J 30 5.28 -0.74 -18.17
C THR J 30 5.63 -0.36 -19.61
N ALA J 31 6.72 0.39 -19.80
CA ALA J 31 7.19 0.87 -21.11
C ALA J 31 7.49 -0.33 -22.02
N ALA J 32 8.31 -1.26 -21.55
CA ALA J 32 8.77 -2.44 -22.31
C ALA J 32 7.56 -3.29 -22.72
N GLY J 33 6.61 -3.46 -21.82
CA GLY J 33 5.38 -4.25 -22.04
C GLY J 33 4.57 -3.70 -23.20
N GLN J 34 4.35 -2.38 -23.24
CA GLN J 34 3.53 -1.72 -24.28
CA GLN J 34 3.54 -1.71 -24.27
C GLN J 34 4.33 -1.71 -25.59
N ALA J 35 5.67 -1.66 -25.50
CA ALA J 35 6.58 -1.70 -26.66
C ALA J 35 6.40 -3.02 -27.43
N VAL J 36 6.49 -4.16 -26.75
CA VAL J 36 6.41 -5.51 -27.39
C VAL J 36 4.97 -5.75 -27.86
N GLU J 37 3.98 -5.23 -27.12
CA GLU J 37 2.55 -5.28 -27.53
C GLU J 37 2.40 -4.51 -28.85
N GLY J 38 3.02 -3.33 -28.94
CA GLY J 38 3.02 -2.49 -30.15
C GLY J 38 3.67 -3.20 -31.33
N ILE J 39 4.81 -3.85 -31.11
CA ILE J 39 5.56 -4.59 -32.16
C ILE J 39 4.68 -5.72 -32.70
N ALA J 40 4.00 -6.45 -31.83
CA ALA J 40 3.08 -7.55 -32.19
C ALA J 40 1.96 -7.01 -33.09
N ARG J 41 1.39 -5.86 -32.72
CA ARG J 41 0.26 -5.21 -33.44
C ARG J 41 0.77 -4.64 -34.77
N GLN J 42 1.98 -4.07 -34.79
CA GLN J 42 2.52 -3.31 -35.94
C GLN J 42 4.01 -3.64 -36.13
N PRO J 43 4.33 -4.86 -36.64
CA PRO J 43 5.73 -5.29 -36.73
C PRO J 43 6.64 -4.37 -37.55
N GLU J 44 6.04 -3.64 -38.51
CA GLU J 44 6.75 -2.74 -39.46
C GLU J 44 7.29 -1.52 -38.71
N ALA J 45 6.77 -1.27 -37.50
CA ALA J 45 7.07 -0.06 -36.69
C ALA J 45 8.09 -0.38 -35.60
N GLU J 46 8.71 -1.57 -35.64
CA GLU J 46 9.67 -2.06 -34.63
C GLU J 46 10.75 -1.00 -34.36
N GLY J 47 11.38 -0.49 -35.42
CA GLY J 47 12.47 0.51 -35.36
C GLY J 47 12.05 1.74 -34.59
N LYS J 48 10.92 2.37 -34.98
CA LYS J 48 10.34 3.56 -34.32
C LYS J 48 10.05 3.23 -32.84
N ILE J 49 9.44 2.07 -32.58
CA ILE J 49 9.03 1.64 -31.21
C ILE J 49 10.28 1.42 -30.36
N ARG J 50 11.26 0.67 -30.87
CA ARG J 50 12.53 0.34 -30.15
C ARG J 50 13.27 1.65 -29.83
N GLY J 51 13.32 2.58 -30.79
CA GLY J 51 13.99 3.89 -30.64
C GLY J 51 13.41 4.67 -29.47
N THR J 52 12.08 4.82 -29.43
CA THR J 52 11.36 5.59 -28.38
C THR J 52 11.52 4.88 -27.03
N LEU J 53 11.45 3.54 -27.02
CA LEU J 53 11.59 2.72 -25.79
C LEU J 53 12.98 2.92 -25.19
N LEU J 54 14.03 2.82 -26.02
CA LEU J 54 15.45 2.91 -25.60
C LEU J 54 15.68 4.27 -24.94
N LEU J 55 15.22 5.35 -25.58
CA LEU J 55 15.25 6.73 -25.03
C LEU J 55 14.62 6.73 -23.63
N SER J 56 13.44 6.11 -23.50
CA SER J 56 12.65 6.06 -22.24
C SER J 56 13.39 5.24 -21.17
N LEU J 57 13.93 4.08 -21.54
CA LEU J 57 14.67 3.18 -20.61
C LEU J 57 15.89 3.92 -20.05
N ALA J 58 16.56 4.73 -20.87
CA ALA J 58 17.75 5.53 -20.48
C ALA J 58 17.36 6.55 -19.41
N PHE J 59 16.28 7.30 -19.63
CA PHE J 59 15.75 8.32 -18.69
C PHE J 59 15.44 7.66 -17.34
N MET J 60 14.86 6.46 -17.36
CA MET J 60 14.43 5.72 -16.15
C MET J 60 15.65 5.08 -15.46
N GLU J 61 16.59 4.54 -16.24
CA GLU J 61 17.85 3.93 -15.71
C GLU J 61 18.63 5.01 -14.96
N ALA J 62 18.71 6.23 -15.50
CA ALA J 62 19.42 7.39 -14.92
C ALA J 62 18.92 7.64 -13.50
N LEU J 63 17.59 7.57 -13.29
CA LEU J 63 16.95 7.79 -11.97
C LEU J 63 17.63 6.92 -10.91
N THR J 64 17.83 5.63 -11.20
CA THR J 64 18.42 4.64 -10.27
C THR J 64 19.93 4.88 -10.16
N ILE J 65 20.58 5.29 -11.25
CA ILE J 65 22.05 5.55 -11.30
C ILE J 65 22.38 6.70 -10.34
N TYR J 66 21.51 7.71 -10.22
CA TYR J 66 21.68 8.82 -9.26
C TYR J 66 21.83 8.23 -7.85
N GLY J 67 21.00 7.22 -7.54
CA GLY J 67 21.06 6.47 -6.27
C GLY J 67 22.38 5.74 -6.11
N LEU J 68 22.84 5.06 -7.17
CA LEU J 68 24.13 4.31 -7.19
C LEU J 68 25.29 5.29 -6.96
N VAL J 69 25.28 6.42 -7.65
CA VAL J 69 26.36 7.46 -7.59
C VAL J 69 26.51 7.91 -6.13
N VAL J 70 25.39 8.24 -5.46
CA VAL J 70 25.38 8.72 -4.06
C VAL J 70 25.91 7.60 -3.14
N ALA J 71 25.44 6.36 -3.33
CA ALA J 71 25.89 5.18 -2.57
C ALA J 71 27.41 5.01 -2.72
N LEU J 72 27.92 5.06 -3.94
CA LEU J 72 29.38 4.90 -4.25
C LEU J 72 30.15 6.06 -3.61
N ALA J 73 29.60 7.27 -3.63
CA ALA J 73 30.20 8.48 -3.00
C ALA J 73 30.28 8.28 -1.49
N LEU J 74 29.21 7.75 -0.88
CA LEU J 74 29.11 7.50 0.59
C LEU J 74 30.15 6.45 1.02
N LEU J 75 30.46 5.49 0.13
CA LEU J 75 31.39 4.37 0.44
C LEU J 75 32.84 4.77 0.13
N PHE J 76 33.10 5.36 -1.04
CA PHE J 76 34.47 5.44 -1.63
C PHE J 76 34.93 6.88 -1.89
N ALA J 77 34.09 7.89 -1.61
CA ALA J 77 34.46 9.32 -1.70
C ALA J 77 33.82 10.08 -0.54
N ASN J 78 33.77 9.45 0.64
CA ASN J 78 33.09 9.97 1.84
C ASN J 78 33.91 11.12 2.42
N PRO J 79 33.34 12.34 2.49
CA PRO J 79 34.08 13.52 2.94
C PRO J 79 34.06 13.75 4.46
N PHE J 80 33.37 12.88 5.22
CA PHE J 80 33.12 13.03 6.67
C PHE J 80 33.88 11.97 7.47
N VAL J 81 34.17 10.82 6.86
CA VAL J 81 34.95 9.71 7.47
C VAL J 81 36.41 9.85 7.04
N MET K 1 27.59 14.37 19.02
CA MET K 1 27.97 15.80 19.09
C MET K 1 28.33 16.27 17.68
N ASN K 2 29.63 16.42 17.39
CA ASN K 2 30.15 16.85 16.07
CA ASN K 2 30.14 16.86 16.06
C ASN K 2 29.81 15.79 15.03
N PRO K 3 29.94 14.49 15.36
CA PRO K 3 29.61 13.41 14.43
C PRO K 3 28.13 13.33 14.03
N LEU K 4 27.22 13.78 14.92
CA LEU K 4 25.75 13.70 14.71
C LEU K 4 25.34 14.41 13.42
N ILE K 5 25.87 15.59 13.14
CA ILE K 5 25.51 16.42 11.95
C ILE K 5 25.90 15.67 10.68
N ALA K 6 27.14 15.16 10.62
CA ALA K 6 27.67 14.37 9.48
C ALA K 6 26.84 13.09 9.32
N ALA K 7 26.53 12.40 10.43
CA ALA K 7 25.75 11.15 10.45
C ALA K 7 24.36 11.42 9.89
N ALA K 8 23.72 12.50 10.33
CA ALA K 8 22.37 12.92 9.88
C ALA K 8 22.43 13.26 8.39
N SER K 9 23.51 13.93 7.97
CA SER K 9 23.70 14.43 6.59
C SER K 9 23.75 13.28 5.59
N VAL K 10 24.48 12.21 5.89
CA VAL K 10 24.66 11.04 4.96
C VAL K 10 23.32 10.29 4.86
N ILE K 11 22.61 10.15 5.98
CA ILE K 11 21.26 9.51 6.02
C ILE K 11 20.31 10.34 5.14
N ALA K 12 20.31 11.66 5.33
CA ALA K 12 19.46 12.62 4.59
C ALA K 12 19.74 12.47 3.08
N ALA K 13 21.01 12.36 2.69
CA ALA K 13 21.47 12.24 1.29
C ALA K 13 20.88 10.96 0.67
N GLY K 14 21.02 9.84 1.37
CA GLY K 14 20.50 8.52 0.94
C GLY K 14 18.99 8.57 0.71
N LEU K 15 18.26 9.12 1.68
CA LEU K 15 16.78 9.28 1.63
C LEU K 15 16.40 10.17 0.45
N ALA K 16 17.07 11.32 0.30
CA ALA K 16 16.77 12.34 -0.72
C ALA K 16 16.79 11.69 -2.12
N VAL K 17 17.85 10.98 -2.47
CA VAL K 17 18.07 10.42 -3.83
C VAL K 17 17.24 9.13 -3.97
N GLY K 18 17.15 8.33 -2.90
CA GLY K 18 16.40 7.06 -2.88
C GLY K 18 14.92 7.27 -3.14
N LEU K 19 14.27 8.12 -2.35
CA LEU K 19 12.81 8.37 -2.40
C LEU K 19 12.43 9.11 -3.70
N ALA K 20 13.34 9.93 -4.22
CA ALA K 20 13.06 10.94 -5.29
C ALA K 20 12.79 10.26 -6.64
N SER K 21 13.11 8.97 -6.78
CA SER K 21 13.02 8.22 -8.06
C SER K 21 11.73 7.38 -8.11
N ILE K 22 11.02 7.25 -6.99
CA ILE K 22 9.83 6.35 -6.88
C ILE K 22 8.74 6.86 -7.83
N GLY K 23 8.28 8.10 -7.65
CA GLY K 23 7.22 8.72 -8.46
C GLY K 23 7.65 8.85 -9.93
N PRO K 24 8.72 9.61 -10.21
CA PRO K 24 9.18 9.81 -11.58
C PRO K 24 9.47 8.49 -12.31
N GLY K 25 9.97 7.48 -11.59
CA GLY K 25 10.19 6.13 -12.12
C GLY K 25 8.92 5.56 -12.72
N VAL K 26 7.85 5.51 -11.92
CA VAL K 26 6.51 4.99 -12.32
C VAL K 26 5.97 5.86 -13.46
N GLY K 27 6.05 7.19 -13.28
CA GLY K 27 5.49 8.18 -14.22
C GLY K 27 6.10 8.07 -15.61
N GLN K 28 7.43 8.04 -15.70
CA GLN K 28 8.17 7.97 -16.98
C GLN K 28 7.73 6.71 -17.73
N GLY K 29 7.57 5.60 -17.01
CA GLY K 29 7.12 4.31 -17.57
C GLY K 29 5.72 4.42 -18.17
N THR K 30 4.79 5.05 -17.45
CA THR K 30 3.40 5.28 -17.91
C THR K 30 3.42 6.06 -19.22
N ALA K 31 4.14 7.19 -19.24
CA ALA K 31 4.26 8.09 -20.42
C ALA K 31 4.87 7.32 -21.58
N ALA K 32 6.02 6.67 -21.36
CA ALA K 32 6.79 5.94 -22.40
C ALA K 32 5.93 4.81 -22.97
N GLY K 33 5.19 4.11 -22.12
CA GLY K 33 4.30 3.00 -22.51
C GLY K 33 3.23 3.44 -23.49
N GLN K 34 2.55 4.56 -23.19
CA GLN K 34 1.46 5.10 -24.04
CA GLN K 34 1.46 5.10 -24.04
C GLN K 34 2.06 5.69 -25.32
N ALA K 35 3.29 6.20 -25.24
CA ALA K 35 4.05 6.74 -26.39
C ALA K 35 4.24 5.66 -27.45
N VAL K 36 4.81 4.51 -27.07
CA VAL K 36 5.13 3.40 -28.02
C VAL K 36 3.83 2.77 -28.51
N GLU K 37 2.80 2.70 -27.66
CA GLU K 37 1.44 2.23 -28.04
C GLU K 37 0.89 3.17 -29.13
N GLY K 38 1.04 4.47 -28.94
CA GLY K 38 0.62 5.51 -29.90
C GLY K 38 1.35 5.36 -31.23
N ILE K 39 2.66 5.16 -31.19
CA ILE K 39 3.51 5.01 -32.40
C ILE K 39 3.03 3.78 -33.20
N ALA K 40 2.76 2.67 -32.52
CA ALA K 40 2.26 1.41 -33.13
C ALA K 40 0.93 1.68 -33.84
N ARG K 41 0.03 2.41 -33.19
CA ARG K 41 -1.32 2.74 -33.72
C ARG K 41 -1.21 3.75 -34.87
N GLN K 42 -0.29 4.71 -34.77
CA GLN K 42 -0.19 5.87 -35.71
C GLN K 42 1.29 6.16 -35.99
N PRO K 43 1.98 5.32 -36.78
CA PRO K 43 3.42 5.47 -37.01
C PRO K 43 3.82 6.83 -37.60
N GLU K 44 2.91 7.48 -38.32
CA GLU K 44 3.14 8.78 -39.02
C GLU K 44 3.25 9.91 -37.98
N ALA K 45 2.82 9.66 -36.74
CA ALA K 45 2.76 10.65 -35.64
C ALA K 45 3.96 10.49 -34.71
N GLU K 46 4.94 9.65 -35.07
CA GLU K 46 6.14 9.35 -34.25
C GLU K 46 6.80 10.65 -33.78
N GLY K 47 7.05 11.59 -34.69
CA GLY K 47 7.72 12.87 -34.41
C GLY K 47 7.00 13.66 -33.33
N LYS K 48 5.69 13.88 -33.52
CA LYS K 48 4.82 14.59 -32.55
C LYS K 48 4.85 13.86 -31.20
N ILE K 49 4.71 12.54 -31.21
CA ILE K 49 4.66 11.68 -29.98
C ILE K 49 6.00 11.75 -29.26
N ARG K 50 7.11 11.55 -29.98
CA ARG K 50 8.48 11.55 -29.40
C ARG K 50 8.78 12.93 -28.78
N GLY K 51 8.40 14.00 -29.48
CA GLY K 51 8.58 15.39 -29.01
C GLY K 51 7.89 15.63 -27.69
N THR K 52 6.61 15.28 -27.58
CA THR K 52 5.78 15.47 -26.37
C THR K 52 6.31 14.58 -25.24
N LEU K 53 6.72 13.35 -25.55
CA LEU K 53 7.26 12.39 -24.56
C LEU K 53 8.55 12.98 -23.95
N LEU K 54 9.48 13.44 -24.80
CA LEU K 54 10.79 13.98 -24.38
C LEU K 54 10.58 15.15 -23.41
N LEU K 55 9.69 16.08 -23.76
CA LEU K 55 9.29 17.22 -22.91
C LEU K 55 8.84 16.69 -21.54
N SER K 56 7.98 15.66 -21.54
CA SER K 56 7.40 15.04 -20.33
C SER K 56 8.49 14.36 -19.49
N LEU K 57 9.37 13.59 -20.13
CA LEU K 57 10.47 12.84 -19.46
C LEU K 57 11.39 13.84 -18.75
N ALA K 58 11.64 15.00 -19.36
CA ALA K 58 12.50 16.09 -18.82
C ALA K 58 11.88 16.64 -17.52
N PHE K 59 10.58 16.96 -17.55
CA PHE K 59 9.81 17.47 -16.37
C PHE K 59 9.90 16.46 -15.23
N MET K 60 9.79 15.16 -15.52
CA MET K 60 9.78 14.08 -14.51
C MET K 60 11.20 13.80 -14.02
N GLU K 61 12.19 13.83 -14.92
CA GLU K 61 13.63 13.62 -14.57
C GLU K 61 14.06 14.71 -13.59
N ALA K 62 13.64 15.96 -13.82
CA ALA K 62 13.95 17.14 -12.98
C ALA K 62 13.54 16.86 -11.53
N LEU K 63 12.36 16.26 -11.33
CA LEU K 63 11.82 15.92 -9.98
C LEU K 63 12.89 15.16 -9.18
N THR K 64 13.50 14.13 -9.78
CA THR K 64 14.50 13.26 -9.13
C THR K 64 15.84 14.01 -9.00
N ILE K 65 16.17 14.86 -9.96
CA ILE K 65 17.44 15.63 -9.99
C ILE K 65 17.45 16.59 -8.78
N TYR K 66 16.30 17.16 -8.41
CA TYR K 66 16.17 18.01 -7.19
C TYR K 66 16.67 17.21 -5.98
N GLY K 67 16.31 15.93 -5.91
CA GLY K 67 16.75 15.00 -4.86
C GLY K 67 18.26 14.79 -4.91
N LEU K 68 18.80 14.57 -6.11
CA LEU K 68 20.26 14.38 -6.34
C LEU K 68 21.02 15.64 -5.90
N VAL K 69 20.54 16.82 -6.31
CA VAL K 69 21.19 18.14 -6.02
C VAL K 69 21.32 18.29 -4.50
N VAL K 70 20.24 18.02 -3.76
CA VAL K 70 20.20 18.14 -2.26
C VAL K 70 21.20 17.14 -1.66
N ALA K 71 21.18 15.88 -2.13
CA ALA K 71 22.09 14.81 -1.69
C ALA K 71 23.55 15.26 -1.89
N LEU K 72 23.88 15.75 -3.10
CA LEU K 72 25.24 16.21 -3.45
C LEU K 72 25.64 17.41 -2.57
N ALA K 73 24.69 18.31 -2.30
CA ALA K 73 24.87 19.48 -1.41
C ALA K 73 25.19 19.00 0.02
N LEU K 74 24.44 18.00 0.50
CA LEU K 74 24.60 17.44 1.87
C LEU K 74 25.99 16.78 2.02
N LEU K 75 26.52 16.22 0.93
CA LEU K 75 27.81 15.49 0.94
C LEU K 75 28.98 16.46 0.71
N PHE K 76 28.90 17.34 -0.30
CA PHE K 76 30.07 18.04 -0.89
C PHE K 76 29.96 19.57 -0.79
N ALA K 77 28.85 20.10 -0.26
CA ALA K 77 28.65 21.55 -0.04
C ALA K 77 27.89 21.77 1.27
N ASN K 78 28.19 20.94 2.29
CA ASN K 78 27.47 20.92 3.58
C ASN K 78 27.85 22.15 4.39
N PRO K 79 26.87 23.02 4.74
CA PRO K 79 27.15 24.27 5.44
C PRO K 79 27.20 24.16 6.97
N PHE K 80 26.96 22.96 7.51
CA PHE K 80 26.82 22.71 8.97
C PHE K 80 28.00 21.86 9.48
N VAL K 81 28.62 21.06 8.62
CA VAL K 81 29.82 20.23 8.94
C VAL K 81 31.06 21.01 8.48
N MET L 1 22.58 19.70 21.28
CA MET L 1 22.30 21.14 21.54
C MET L 1 22.36 21.89 20.19
N ASN L 2 23.48 22.55 19.92
N ASN L 2 23.49 22.55 19.92
CA ASN L 2 23.74 23.28 18.65
CA ASN L 2 23.73 23.28 18.64
C ASN L 2 23.75 22.27 17.51
C ASN L 2 23.75 22.26 17.50
N PRO L 3 24.37 21.08 17.68
CA PRO L 3 24.35 20.04 16.66
C PRO L 3 22.96 19.49 16.33
N LEU L 4 22.06 19.41 17.31
CA LEU L 4 20.72 18.79 17.16
C LEU L 4 19.91 19.53 16.09
N ILE L 5 19.96 20.87 16.10
CA ILE L 5 19.20 21.74 15.15
C ILE L 5 19.68 21.46 13.72
N ALA L 6 21.00 21.48 13.51
CA ALA L 6 21.66 21.20 12.21
C ALA L 6 21.32 19.78 11.76
N ALA L 7 21.40 18.80 12.67
CA ALA L 7 21.11 17.37 12.40
C ALA L 7 19.65 17.22 11.95
N ALA L 8 18.73 17.86 12.66
CA ALA L 8 17.28 17.86 12.35
C ALA L 8 17.06 18.51 10.98
N SER L 9 17.78 19.59 10.71
CA SER L 9 17.64 20.43 9.50
C SER L 9 17.97 19.62 8.24
N VAL L 10 19.09 18.88 8.25
CA VAL L 10 19.57 18.10 7.06
C VAL L 10 18.58 16.95 6.80
N ILE L 11 18.10 16.30 7.86
CA ILE L 11 17.08 15.22 7.76
C ILE L 11 15.81 15.79 7.13
N ALA L 12 15.35 16.94 7.64
CA ALA L 12 14.13 17.64 7.17
C ALA L 12 14.27 17.94 5.67
N ALA L 13 15.46 18.41 5.26
CA ALA L 13 15.76 18.78 3.85
C ALA L 13 15.62 17.55 2.94
N GLY L 14 16.22 16.42 3.34
CA GLY L 14 16.16 15.14 2.61
C GLY L 14 14.72 14.68 2.43
N LEU L 15 13.95 14.68 3.53
CA LEU L 15 12.52 14.29 3.56
C LEU L 15 11.71 15.20 2.63
N ALA L 16 11.91 16.52 2.75
CA ALA L 16 11.16 17.55 2.00
C ALA L 16 11.25 17.28 0.49
N VAL L 17 12.46 17.12 -0.04
CA VAL L 17 12.72 16.98 -1.51
C VAL L 17 12.39 15.56 -1.94
N GLY L 18 12.71 14.56 -1.10
CA GLY L 18 12.47 13.13 -1.37
C GLY L 18 11.00 12.83 -1.56
N LEU L 19 10.17 13.18 -0.56
CA LEU L 19 8.72 12.85 -0.52
C LEU L 19 7.97 13.66 -1.58
N ALA L 20 8.45 14.86 -1.91
CA ALA L 20 7.71 15.89 -2.70
C ALA L 20 7.58 15.46 -4.18
N SER L 21 8.33 14.45 -4.62
CA SER L 21 8.38 14.01 -6.04
C SER L 21 7.49 12.79 -6.28
N ILE L 22 7.00 12.16 -5.21
CA ILE L 22 6.23 10.88 -5.31
C ILE L 22 4.94 11.13 -6.09
N GLY L 23 4.09 12.04 -5.60
CA GLY L 23 2.81 12.38 -6.23
C GLY L 23 2.98 12.96 -7.63
N PRO L 24 3.68 14.12 -7.74
CA PRO L 24 3.90 14.77 -9.04
C PRO L 24 4.57 13.84 -10.06
N GLY L 25 5.46 12.97 -9.61
CA GLY L 25 6.09 11.94 -10.47
C GLY L 25 5.04 11.08 -11.16
N VAL L 26 4.15 10.47 -10.38
CA VAL L 26 3.06 9.58 -10.87
C VAL L 26 2.12 10.42 -11.74
N GLY L 27 1.75 11.61 -11.25
CA GLY L 27 0.78 12.52 -11.91
C GLY L 27 1.24 12.94 -13.29
N GLN L 28 2.48 13.42 -13.40
CA GLN L 28 3.05 13.91 -14.69
C GLN L 28 3.02 12.78 -15.71
N GLY L 29 3.32 11.55 -15.27
CA GLY L 29 3.31 10.35 -16.13
C GLY L 29 1.91 10.07 -16.66
N THR L 30 0.90 10.13 -15.80
CA THR L 30 -0.52 9.93 -16.16
C THR L 30 -0.90 10.94 -17.26
N ALA L 31 -0.65 12.23 -17.01
CA ALA L 31 -0.98 13.34 -17.93
C ALA L 31 -0.25 13.13 -19.26
N ALA L 32 1.07 12.94 -19.22
CA ALA L 32 1.94 12.80 -20.41
C ALA L 32 1.48 11.59 -21.24
N GLY L 33 1.15 10.49 -20.57
CA GLY L 33 0.70 9.24 -21.22
C GLY L 33 -0.56 9.44 -22.03
N GLN L 34 -1.56 10.12 -21.46
CA GLN L 34 -2.86 10.37 -22.15
CA GLN L 34 -2.86 10.39 -22.14
C GLN L 34 -2.65 11.42 -23.26
N ALA L 35 -1.69 12.32 -23.07
CA ALA L 35 -1.32 13.37 -24.06
C ALA L 35 -0.85 12.70 -25.35
N VAL L 36 0.14 11.79 -25.28
CA VAL L 36 0.74 11.12 -26.47
C VAL L 36 -0.29 10.16 -27.08
N GLU L 37 -1.13 9.53 -26.25
CA GLU L 37 -2.26 8.68 -26.72
C GLU L 37 -3.22 9.55 -27.53
N GLY L 38 -3.54 10.74 -27.02
CA GLY L 38 -4.41 11.72 -27.71
C GLY L 38 -3.83 12.16 -29.04
N ILE L 39 -2.52 12.45 -29.08
CA ILE L 39 -1.80 12.89 -30.30
C ILE L 39 -1.88 11.78 -31.36
N ALA L 40 -1.68 10.52 -30.95
CA ALA L 40 -1.74 9.34 -31.84
C ALA L 40 -3.15 9.24 -32.45
N ARG L 41 -4.19 9.43 -31.63
CA ARG L 41 -5.61 9.33 -32.05
C ARG L 41 -5.98 10.53 -32.93
N GLN L 42 -5.47 11.73 -32.61
CA GLN L 42 -5.87 13.00 -33.25
C GLN L 42 -4.64 13.87 -33.48
N PRO L 43 -3.78 13.55 -34.47
CA PRO L 43 -2.52 14.26 -34.67
C PRO L 43 -2.69 15.77 -34.91
N GLU L 44 -3.85 16.18 -35.44
CA GLU L 44 -4.17 17.58 -35.81
C GLU L 44 -4.36 18.41 -34.55
N ALA L 45 -4.55 17.76 -33.39
CA ALA L 45 -4.86 18.41 -32.09
C ALA L 45 -3.59 18.50 -31.22
N GLU L 46 -2.42 18.18 -31.78
CA GLU L 46 -1.11 18.17 -31.07
C GLU L 46 -0.93 19.49 -30.30
N GLY L 47 -1.11 20.63 -30.98
CA GLY L 47 -0.91 21.98 -30.41
C GLY L 47 -1.76 22.20 -29.18
N LYS L 48 -3.06 21.96 -29.27
CA LYS L 48 -4.03 22.07 -28.14
C LYS L 48 -3.61 21.13 -27.02
N ILE L 49 -3.27 19.88 -27.35
CA ILE L 49 -2.89 18.83 -26.36
C ILE L 49 -1.59 19.23 -25.67
N ARG L 50 -0.56 19.63 -26.42
CA ARG L 50 0.77 20.01 -25.88
C ARG L 50 0.60 21.23 -24.96
N GLY L 51 -0.21 22.21 -25.36
CA GLY L 51 -0.49 23.43 -24.58
C GLY L 51 -1.09 23.08 -23.22
N THR L 52 -2.13 22.25 -23.19
CA THR L 52 -2.84 21.85 -21.95
C THR L 52 -1.91 21.00 -21.08
N LEU L 53 -1.12 20.12 -21.69
CA LEU L 53 -0.14 19.25 -20.98
C LEU L 53 0.89 20.12 -20.27
N LEU L 54 1.49 21.08 -20.99
CA LEU L 54 2.56 21.97 -20.47
C LEU L 54 2.04 22.72 -19.24
N LEU L 55 0.85 23.30 -19.35
CA LEU L 55 0.14 23.98 -18.23
C LEU L 55 0.07 23.04 -17.03
N SER L 56 -0.34 21.78 -17.26
CA SER L 56 -0.54 20.73 -16.23
C SER L 56 0.80 20.35 -15.60
N LEU L 57 1.84 20.13 -16.43
CA LEU L 57 3.18 19.73 -15.97
C LEU L 57 3.76 20.81 -15.04
N ALA L 58 3.51 22.09 -15.36
CA ALA L 58 3.99 23.26 -14.59
C ALA L 58 3.35 23.23 -13.18
N PHE L 59 2.03 23.05 -13.12
CA PHE L 59 1.26 22.98 -11.84
C PHE L 59 1.80 21.85 -10.96
N MET L 60 2.13 20.71 -11.57
CA MET L 60 2.61 19.49 -10.85
C MET L 60 4.08 19.67 -10.45
N GLU L 61 4.91 20.25 -11.34
CA GLU L 61 6.34 20.53 -11.08
C GLU L 61 6.45 21.47 -9.86
N ALA L 62 5.58 22.48 -9.77
CA ALA L 62 5.54 23.48 -8.69
C ALA L 62 5.40 22.77 -7.33
N LEU L 63 4.55 21.74 -7.27
CA LEU L 63 4.31 20.94 -6.03
C LEU L 63 5.65 20.48 -5.45
N THR L 64 6.51 19.91 -6.29
CA THR L 64 7.83 19.35 -5.89
C THR L 64 8.80 20.50 -5.60
N ILE L 65 8.71 21.60 -6.35
CA ILE L 65 9.61 22.79 -6.20
C ILE L 65 9.41 23.39 -4.80
N TYR L 66 8.18 23.39 -4.28
CA TYR L 66 7.87 23.84 -2.90
C TYR L 66 8.75 23.05 -1.92
N GLY L 67 8.88 21.74 -2.16
CA GLY L 67 9.74 20.83 -1.38
C GLY L 67 11.21 21.23 -1.50
N LEU L 68 11.67 21.50 -2.73
CA LEU L 68 13.07 21.93 -3.02
C LEU L 68 13.36 23.25 -2.30
N VAL L 69 12.44 24.23 -2.39
CA VAL L 69 12.59 25.58 -1.80
C VAL L 69 12.82 25.43 -0.29
N VAL L 70 12.00 24.62 0.39
CA VAL L 70 12.08 24.38 1.86
C VAL L 70 13.43 23.73 2.18
N ALA L 71 13.82 22.70 1.42
CA ALA L 71 15.10 21.97 1.57
C ALA L 71 16.27 22.97 1.46
N LEU L 72 16.27 23.81 0.41
CA LEU L 72 17.32 24.82 0.16
C LEU L 72 17.34 25.84 1.30
N ALA L 73 16.17 26.23 1.82
CA ALA L 73 16.02 27.16 2.96
C ALA L 73 16.63 26.54 4.21
N LEU L 74 16.37 25.25 4.45
CA LEU L 74 16.87 24.49 5.63
C LEU L 74 18.39 24.39 5.58
N LEU L 75 18.98 24.34 4.38
CA LEU L 75 20.44 24.17 4.19
C LEU L 75 21.15 25.54 4.18
N PHE L 76 20.64 26.51 3.42
CA PHE L 76 21.41 27.72 3.01
C PHE L 76 20.75 29.03 3.49
N ALA L 77 19.60 28.98 4.15
CA ALA L 77 18.91 30.16 4.72
C ALA L 77 18.26 29.76 6.05
N ASN L 78 18.95 28.92 6.83
CA ASN L 78 18.45 28.32 8.09
C ASN L 78 18.42 29.39 9.16
N PRO L 79 17.24 29.71 9.74
CA PRO L 79 17.11 30.79 10.71
C PRO L 79 17.38 30.38 12.17
N PHE L 80 17.67 29.09 12.41
CA PHE L 80 17.82 28.50 13.77
C PHE L 80 19.27 28.10 14.03
N VAL L 81 20.03 27.80 12.97
CA VAL L 81 21.48 27.44 13.03
C VAL L 81 22.29 28.70 12.75
N MET M 1 16.53 20.67 24.86
CA MET M 1 15.72 21.65 25.65
C MET M 1 15.32 22.81 24.72
N ASN M 2 16.10 23.89 24.72
N ASN M 2 16.10 23.89 24.74
CA ASN M 2 15.89 25.08 23.85
CA ASN M 2 15.91 25.08 23.86
C ASN M 2 16.06 24.65 22.38
C ASN M 2 16.06 24.65 22.41
N PRO M 3 17.08 23.82 22.08
CA PRO M 3 17.28 23.32 20.72
C PRO M 3 16.16 22.39 20.21
N LEU M 4 15.49 21.67 21.11
CA LEU M 4 14.43 20.67 20.78
C LEU M 4 13.31 21.34 19.97
N ILE M 5 12.87 22.54 20.34
CA ILE M 5 11.75 23.26 19.66
C ILE M 5 12.14 23.54 18.20
N ALA M 6 13.33 24.10 17.99
CA ALA M 6 13.89 24.42 16.65
C ALA M 6 14.05 23.12 15.85
N ALA M 7 14.58 22.08 16.49
CA ALA M 7 14.81 20.75 15.86
C ALA M 7 13.48 20.16 15.41
N ALA M 8 12.46 20.21 16.28
CA ALA M 8 11.09 19.71 16.00
C ALA M 8 10.48 20.53 14.85
N SER M 9 10.72 21.84 14.86
CA SER M 9 10.15 22.82 13.88
C SER M 9 10.62 22.50 12.46
N VAL M 10 11.92 22.25 12.27
CA VAL M 10 12.51 22.00 10.92
C VAL M 10 12.00 20.65 10.41
N ILE M 11 11.90 19.64 11.27
CA ILE M 11 11.35 18.30 10.94
C ILE M 11 9.89 18.48 10.48
N ALA M 12 9.10 19.22 11.26
CA ALA M 12 7.68 19.50 11.00
C ALA M 12 7.54 20.16 9.62
N ALA M 13 8.42 21.13 9.32
CA ALA M 13 8.42 21.89 8.04
C ALA M 13 8.64 20.93 6.86
N GLY M 14 9.66 20.06 6.96
CA GLY M 14 9.99 19.06 5.93
C GLY M 14 8.81 18.13 5.67
N LEU M 15 8.21 17.60 6.74
CA LEU M 15 7.03 16.69 6.68
C LEU M 15 5.86 17.42 6.02
N ALA M 16 5.56 18.64 6.47
CA ALA M 16 4.42 19.46 6.00
C ALA M 16 4.44 19.58 4.47
N VAL M 17 5.57 20.01 3.91
CA VAL M 17 5.70 20.31 2.44
C VAL M 17 5.87 19.00 1.68
N GLY M 18 6.61 18.04 2.25
CA GLY M 18 6.87 16.72 1.64
C GLY M 18 5.59 15.93 1.42
N LEU M 19 4.81 15.72 2.47
CA LEU M 19 3.56 14.89 2.46
C LEU M 19 2.47 15.58 1.63
N ALA M 20 2.45 16.91 1.60
CA ALA M 20 1.32 17.74 1.09
C ALA M 20 1.17 17.62 -0.43
N SER M 21 2.18 17.09 -1.12
CA SER M 21 2.23 17.03 -2.62
C SER M 21 1.81 15.64 -3.12
N ILE M 22 1.69 14.66 -2.23
CA ILE M 22 1.42 13.23 -2.62
C ILE M 22 0.05 13.15 -3.28
N GLY M 23 -1.02 13.54 -2.58
CA GLY M 23 -2.40 13.49 -3.09
C GLY M 23 -2.58 14.41 -4.29
N PRO M 24 -2.37 15.73 -4.13
CA PRO M 24 -2.53 16.69 -5.23
C PRO M 24 -1.69 16.34 -6.47
N GLY M 25 -0.50 15.78 -6.26
CA GLY M 25 0.38 15.27 -7.35
C GLY M 25 -0.35 14.26 -8.22
N VAL M 26 -0.88 13.20 -7.58
CA VAL M 26 -1.62 12.11 -8.27
C VAL M 26 -2.89 12.71 -8.91
N GLY M 27 -3.61 13.53 -8.14
CA GLY M 27 -4.90 14.13 -8.55
C GLY M 27 -4.77 14.99 -9.79
N GLN M 28 -3.80 15.92 -9.79
CA GLN M 28 -3.58 16.85 -10.93
C GLN M 28 -3.32 16.04 -12.19
N GLY M 29 -2.56 14.95 -12.07
CA GLY M 29 -2.25 14.04 -13.18
C GLY M 29 -3.50 13.40 -13.75
N THR M 30 -4.38 12.89 -12.88
CA THR M 30 -5.66 12.25 -13.25
C THR M 30 -6.49 13.26 -14.06
N ALA M 31 -6.68 14.47 -13.52
CA ALA M 31 -7.47 15.56 -14.14
C ALA M 31 -6.86 15.92 -15.50
N ALA M 32 -5.56 16.21 -15.53
CA ALA M 32 -4.82 16.67 -16.74
C ALA M 32 -4.90 15.58 -17.81
N GLY M 33 -4.76 14.32 -17.42
CA GLY M 33 -4.80 13.16 -18.33
C GLY M 33 -6.14 13.05 -19.06
N GLN M 34 -7.24 13.18 -18.33
CA GLN M 34 -8.61 13.08 -18.91
CA GLN M 34 -8.61 13.10 -18.90
C GLN M 34 -8.89 14.34 -19.74
N ALA M 35 -8.30 15.48 -19.36
CA ALA M 35 -8.41 16.77 -20.08
C ALA M 35 -7.87 16.62 -21.50
N VAL M 36 -6.63 16.15 -21.65
CA VAL M 36 -5.96 16.03 -22.98
C VAL M 36 -6.64 14.91 -23.79
N GLU M 37 -7.11 13.86 -23.13
CA GLU M 37 -7.90 12.77 -23.77
C GLU M 37 -9.19 13.39 -24.34
N GLY M 38 -9.84 14.24 -23.55
CA GLY M 38 -11.07 14.94 -23.96
C GLY M 38 -10.83 15.85 -25.17
N ILE M 39 -9.73 16.60 -25.15
CA ILE M 39 -9.34 17.53 -26.25
C ILE M 39 -9.15 16.71 -27.53
N ALA M 40 -8.46 15.58 -27.45
CA ALA M 40 -8.19 14.68 -28.60
C ALA M 40 -9.53 14.20 -29.19
N ARG M 41 -10.47 13.82 -28.33
CA ARG M 41 -11.80 13.28 -28.72
C ARG M 41 -12.67 14.41 -29.28
N GLN M 42 -12.58 15.62 -28.70
CA GLN M 42 -13.49 16.76 -29.00
C GLN M 42 -12.68 18.06 -29.04
N PRO M 43 -11.86 18.29 -30.09
CA PRO M 43 -10.95 19.43 -30.14
C PRO M 43 -11.66 20.80 -30.01
N GLU M 44 -12.93 20.86 -30.43
CA GLU M 44 -13.75 22.10 -30.45
C GLU M 44 -14.11 22.51 -29.01
N ALA M 45 -13.94 21.61 -28.04
CA ALA M 45 -14.32 21.80 -26.63
C ALA M 45 -13.10 22.15 -25.77
N GLU M 46 -11.95 22.43 -26.41
CA GLU M 46 -10.66 22.74 -25.74
C GLU M 46 -10.87 23.82 -24.68
N GLY M 47 -11.51 24.93 -25.06
CA GLY M 47 -11.76 26.10 -24.18
C GLY M 47 -12.49 25.70 -22.91
N LYS M 48 -13.63 25.01 -23.05
CA LYS M 48 -14.46 24.52 -21.91
C LYS M 48 -13.62 23.57 -21.05
N ILE M 49 -12.89 22.65 -21.68
CA ILE M 49 -12.07 21.62 -20.97
C ILE M 49 -10.93 22.31 -20.22
N ARG M 50 -10.18 23.21 -20.87
CA ARG M 50 -9.03 23.93 -20.28
C ARG M 50 -9.52 24.77 -19.09
N GLY M 51 -10.66 25.45 -19.24
CA GLY M 51 -11.28 26.27 -18.19
C GLY M 51 -11.58 25.45 -16.94
N THR M 52 -12.25 24.32 -17.09
CA THR M 52 -12.64 23.42 -15.97
C THR M 52 -11.38 22.81 -15.35
N LEU M 53 -10.39 22.43 -16.16
CA LEU M 53 -9.11 21.84 -15.69
C LEU M 53 -8.37 22.84 -14.81
N LEU M 54 -8.22 24.09 -15.29
CA LEU M 54 -7.50 25.19 -14.59
C LEU M 54 -8.12 25.39 -13.20
N LEU M 55 -9.46 25.51 -13.15
CA LEU M 55 -10.23 25.61 -11.88
C LEU M 55 -9.84 24.46 -10.96
N SER M 56 -9.80 23.23 -11.49
CA SER M 56 -9.51 21.98 -10.73
C SER M 56 -8.06 22.00 -10.23
N LEU M 57 -7.11 22.36 -11.09
CA LEU M 57 -5.66 22.40 -10.77
C LEU M 57 -5.42 23.38 -9.61
N ALA M 58 -6.15 24.51 -9.60
CA ALA M 58 -6.05 25.57 -8.57
C ALA M 58 -6.50 25.01 -7.21
N PHE M 59 -7.65 24.33 -7.18
CA PHE M 59 -8.21 23.70 -5.95
C PHE M 59 -7.20 22.69 -5.38
N MET M 60 -6.53 21.92 -6.24
CA MET M 60 -5.58 20.86 -5.83
C MET M 60 -4.24 21.48 -5.43
N GLU M 61 -3.79 22.51 -6.16
CA GLU M 61 -2.53 23.25 -5.85
C GLU M 61 -2.64 23.86 -4.45
N ALA M 62 -3.81 24.42 -4.11
CA ALA M 62 -4.09 25.07 -2.81
C ALA M 62 -3.81 24.08 -1.67
N LEU M 63 -4.22 22.82 -1.83
CA LEU M 63 -4.03 21.74 -0.83
C LEU M 63 -2.57 21.70 -0.40
N THR M 64 -1.64 21.69 -1.37
CA THR M 64 -0.18 21.60 -1.14
C THR M 64 0.35 22.93 -0.60
N ILE M 65 -0.22 24.05 -1.05
CA ILE M 65 0.22 25.42 -0.62
C ILE M 65 -0.05 25.57 0.88
N TYR M 66 -1.13 25.00 1.41
CA TYR M 66 -1.42 24.99 2.86
C TYR M 66 -0.22 24.37 3.59
N GLY M 67 0.34 23.30 3.04
CA GLY M 67 1.56 22.64 3.56
C GLY M 67 2.77 23.56 3.51
N LEU M 68 2.97 24.25 2.39
CA LEU M 68 4.07 25.23 2.19
C LEU M 68 3.94 26.37 3.21
N VAL M 69 2.73 26.91 3.37
CA VAL M 69 2.44 28.06 4.28
C VAL M 69 2.87 27.67 5.70
N VAL M 70 2.47 26.49 6.17
CA VAL M 70 2.79 25.98 7.54
C VAL M 70 4.30 25.83 7.67
N ALA M 71 4.95 25.21 6.67
CA ALA M 71 6.42 25.02 6.62
C ALA M 71 7.12 26.38 6.74
N LEU M 72 6.72 27.36 5.93
CA LEU M 72 7.31 28.73 5.92
C LEU M 72 7.07 29.40 7.29
N ALA M 73 5.90 29.19 7.89
CA ALA M 73 5.53 29.72 9.22
C ALA M 73 6.47 29.10 10.28
N LEU M 74 6.71 27.79 10.20
CA LEU M 74 7.57 27.04 11.15
C LEU M 74 9.02 27.52 11.05
N LEU M 75 9.45 27.96 9.86
CA LEU M 75 10.85 28.40 9.61
C LEU M 75 11.01 29.89 9.93
N PHE M 76 10.11 30.75 9.46
CA PHE M 76 10.34 32.23 9.36
C PHE M 76 9.33 33.05 10.17
N ALA M 77 8.34 32.41 10.80
CA ALA M 77 7.34 33.09 11.66
C ALA M 77 7.01 32.20 12.86
N ASN M 78 8.04 31.52 13.40
CA ASN M 78 7.92 30.51 14.47
C ASN M 78 7.62 31.23 15.78
N PRO M 79 6.47 30.94 16.43
CA PRO M 79 6.07 31.65 17.65
C PRO M 79 6.63 31.04 18.95
N PHE M 80 7.38 29.93 18.86
CA PHE M 80 7.86 29.14 20.02
C PHE M 80 9.38 29.25 20.15
N VAL M 81 10.09 29.50 19.05
CA VAL M 81 11.56 29.71 19.02
C VAL M 81 11.84 31.22 19.06
N MET N 1 10.37 19.45 29.02
CA MET N 1 9.22 19.91 29.85
C MET N 1 8.45 21.00 29.08
N ASN N 2 8.82 22.27 29.28
N ASN N 2 8.82 22.26 29.29
CA ASN N 2 8.21 23.44 28.59
CA ASN N 2 8.23 23.44 28.60
C ASN N 2 8.51 23.33 27.09
C ASN N 2 8.51 23.33 27.10
N PRO N 3 9.75 22.94 26.71
CA PRO N 3 10.08 22.74 25.30
C PRO N 3 9.32 21.58 24.63
N LEU N 4 9.01 20.52 25.39
CA LEU N 4 8.38 19.28 24.87
C LEU N 4 7.00 19.61 24.27
N ILE N 5 6.20 20.45 24.94
CA ILE N 5 4.83 20.82 24.49
C ILE N 5 4.93 21.55 23.15
N ALA N 6 5.81 22.54 23.05
CA ALA N 6 6.05 23.33 21.81
C ALA N 6 6.56 22.40 20.71
N ALA N 7 7.51 21.50 21.04
CA ALA N 7 8.12 20.54 20.10
C ALA N 7 7.04 19.61 19.56
N ALA N 8 6.18 19.09 20.43
CA ALA N 8 5.05 18.20 20.08
C ALA N 8 4.07 18.97 19.18
N SER N 9 3.81 20.24 19.51
CA SER N 9 2.84 21.13 18.83
C SER N 9 3.23 21.35 17.37
N VAL N 10 4.50 21.64 17.09
CA VAL N 10 4.99 21.94 15.71
C VAL N 10 4.93 20.64 14.89
N ILE N 11 5.29 19.50 15.48
CA ILE N 11 5.22 18.17 14.82
C ILE N 11 3.75 17.89 14.47
N ALA N 12 2.84 18.09 15.42
CA ALA N 12 1.39 17.88 15.25
C ALA N 12 0.88 18.74 14.08
N ALA N 13 1.32 19.99 14.02
CA ALA N 13 0.93 20.97 12.97
C ALA N 13 1.34 20.46 11.59
N GLY N 14 2.60 20.03 11.45
CA GLY N 14 3.16 19.47 10.21
C GLY N 14 2.36 18.26 9.74
N LEU N 15 2.11 17.31 10.65
CA LEU N 15 1.33 16.08 10.39
C LEU N 15 -0.09 16.44 9.96
N ALA N 16 -0.75 17.35 10.69
CA ALA N 16 -2.15 17.76 10.47
C ALA N 16 -2.34 18.21 9.02
N VAL N 17 -1.51 19.15 8.55
CA VAL N 17 -1.66 19.79 7.21
C VAL N 17 -1.11 18.83 6.14
N GLY N 18 -0.01 18.13 6.45
CA GLY N 18 0.64 17.17 5.53
C GLY N 18 -0.28 16.03 5.14
N LEU N 19 -0.81 15.31 6.12
CA LEU N 19 -1.67 14.11 5.91
C LEU N 19 -3.02 14.50 5.30
N ALA N 20 -3.51 15.69 5.60
CA ALA N 20 -4.91 16.13 5.32
C ALA N 20 -5.15 16.32 3.82
N SER N 21 -4.10 16.36 3.00
CA SER N 21 -4.18 16.64 1.54
C SER N 21 -4.14 15.36 0.72
N ILE N 22 -3.81 14.22 1.35
CA ILE N 22 -3.59 12.93 0.62
C ILE N 22 -4.91 12.47 -0.01
N GLY N 23 -5.94 12.28 0.80
CA GLY N 23 -7.28 11.84 0.32
C GLY N 23 -7.91 12.87 -0.63
N PRO N 24 -8.15 14.11 -0.16
CA PRO N 24 -8.76 15.15 -0.99
C PRO N 24 -7.99 15.40 -2.30
N GLY N 25 -6.66 15.29 -2.26
CA GLY N 25 -5.80 15.40 -3.45
C GLY N 25 -6.21 14.39 -4.51
N VAL N 26 -6.27 13.10 -4.15
CA VAL N 26 -6.66 11.99 -5.05
C VAL N 26 -8.11 12.21 -5.50
N GLY N 27 -8.99 12.51 -4.54
CA GLY N 27 -10.44 12.67 -4.76
C GLY N 27 -10.75 13.77 -5.77
N GLN N 28 -10.18 14.97 -5.57
CA GLN N 28 -10.42 16.14 -6.45
C GLN N 28 -10.02 15.78 -7.88
N GLY N 29 -8.90 15.05 -8.04
CA GLY N 29 -8.41 14.59 -9.35
C GLY N 29 -9.41 13.67 -10.03
N THR N 30 -9.96 12.70 -9.30
CA THR N 30 -10.97 11.74 -9.80
C THR N 30 -12.17 12.53 -10.34
N ALA N 31 -12.72 13.43 -9.52
CA ALA N 31 -13.90 14.25 -9.84
C ALA N 31 -13.60 15.11 -11.08
N ALA N 32 -12.50 15.86 -11.04
CA ALA N 32 -12.09 16.81 -12.11
C ALA N 32 -11.89 16.03 -13.42
N GLY N 33 -11.27 14.85 -13.35
CA GLY N 33 -10.99 13.99 -14.52
C GLY N 33 -12.27 13.60 -15.24
N GLN N 34 -13.28 13.14 -14.49
CA GLN N 34 -14.58 12.69 -15.06
CA GLN N 34 -14.59 12.69 -15.03
C GLN N 34 -15.36 13.91 -15.55
N ALA N 35 -15.16 15.06 -14.91
CA ALA N 35 -15.80 16.34 -15.29
C ALA N 35 -15.39 16.73 -16.72
N VAL N 36 -14.08 16.78 -17.00
CA VAL N 36 -13.54 17.23 -18.32
C VAL N 36 -13.86 16.14 -19.37
N GLU N 37 -13.87 14.86 -18.98
CA GLU N 37 -14.29 13.74 -19.85
C GLU N 37 -15.76 13.95 -20.24
N GLY N 38 -16.60 14.31 -19.27
CA GLY N 38 -18.03 14.60 -19.47
C GLY N 38 -18.23 15.77 -20.42
N ILE N 39 -17.47 16.85 -20.23
CA ILE N 39 -17.54 18.07 -21.08
C ILE N 39 -17.21 17.70 -22.53
N ALA N 40 -16.15 16.90 -22.74
CA ALA N 40 -15.71 16.42 -24.07
C ALA N 40 -16.86 15.64 -24.74
N ARG N 41 -17.51 14.76 -23.97
CA ARG N 41 -18.61 13.88 -24.46
C ARG N 41 -19.87 14.71 -24.73
N GLN N 42 -20.15 15.70 -23.88
CA GLN N 42 -21.41 16.49 -23.88
C GLN N 42 -21.11 17.96 -23.61
N PRO N 43 -20.53 18.69 -24.59
CA PRO N 43 -20.09 20.07 -24.39
C PRO N 43 -21.21 21.00 -23.91
N GLU N 44 -22.45 20.70 -24.28
CA GLU N 44 -23.64 21.55 -24.02
C GLU N 44 -24.00 21.48 -22.53
N ALA N 45 -23.44 20.51 -21.80
CA ALA N 45 -23.74 20.24 -20.37
C ALA N 45 -22.65 20.81 -19.47
N GLU N 46 -21.73 21.61 -20.03
CA GLU N 46 -20.56 22.19 -19.31
C GLU N 46 -21.03 22.86 -18.01
N GLY N 47 -22.04 23.73 -18.08
CA GLY N 47 -22.58 24.48 -16.94
C GLY N 47 -23.01 23.57 -15.81
N LYS N 48 -23.86 22.58 -16.10
CA LYS N 48 -24.34 21.56 -15.12
C LYS N 48 -23.13 20.82 -14.53
N ILE N 49 -22.20 20.38 -15.38
CA ILE N 49 -21.00 19.59 -14.98
C ILE N 49 -20.11 20.43 -14.07
N ARG N 50 -19.79 21.67 -14.49
CA ARG N 50 -18.90 22.59 -13.73
C ARG N 50 -19.54 22.91 -12.38
N GLY N 51 -20.84 23.14 -12.35
CA GLY N 51 -21.60 23.44 -11.11
C GLY N 51 -21.49 22.32 -10.10
N THR N 52 -21.74 21.07 -10.52
CA THR N 52 -21.69 19.87 -9.65
C THR N 52 -20.25 19.63 -9.20
N LEU N 53 -19.27 19.82 -10.09
CA LEU N 53 -17.83 19.66 -9.78
C LEU N 53 -17.42 20.64 -8.69
N LEU N 54 -17.76 21.93 -8.85
CA LEU N 54 -17.39 23.03 -7.92
C LEU N 54 -17.91 22.70 -6.52
N LEU N 55 -19.18 22.30 -6.42
CA LEU N 55 -19.81 21.84 -5.16
C LEU N 55 -18.95 20.75 -4.53
N SER N 56 -18.55 19.76 -5.34
CA SER N 56 -17.75 18.58 -4.91
C SER N 56 -16.35 19.02 -4.46
N LEU N 57 -15.68 19.88 -5.22
CA LEU N 57 -14.32 20.38 -4.92
C LEU N 57 -14.31 21.11 -3.57
N ALA N 58 -15.38 21.86 -3.28
CA ALA N 58 -15.56 22.62 -2.02
C ALA N 58 -15.62 21.65 -0.83
N PHE N 59 -16.44 20.60 -0.94
CA PHE N 59 -16.61 19.55 0.11
C PHE N 59 -15.26 18.89 0.41
N MET N 60 -14.46 18.63 -0.64
CA MET N 60 -13.15 17.93 -0.54
C MET N 60 -12.08 18.90 -0.02
N GLU N 61 -12.10 20.15 -0.48
CA GLU N 61 -11.17 21.21 -0.02
C GLU N 61 -11.33 21.43 1.49
N ALA N 62 -12.57 21.43 1.97
CA ALA N 62 -12.92 21.61 3.41
C ALA N 62 -12.20 20.56 4.26
N LEU N 63 -12.14 19.31 3.79
CA LEU N 63 -11.47 18.19 4.50
C LEU N 63 -10.04 18.61 4.87
N THR N 64 -9.29 19.16 3.92
CA THR N 64 -7.87 19.57 4.10
C THR N 64 -7.80 20.84 4.95
N ILE N 65 -8.78 21.74 4.80
CA ILE N 65 -8.82 23.03 5.55
C ILE N 65 -8.97 22.74 7.05
N TYR N 66 -9.71 21.69 7.42
CA TYR N 66 -9.83 21.23 8.84
C TYR N 66 -8.43 20.97 9.39
N GLY N 67 -7.57 20.35 8.58
CA GLY N 67 -6.15 20.10 8.92
C GLY N 67 -5.38 21.39 9.09
N LEU N 68 -5.56 22.34 8.17
CA LEU N 68 -4.92 23.69 8.23
C LEU N 68 -5.36 24.42 9.49
N VAL N 69 -6.65 24.41 9.79
CA VAL N 69 -7.25 25.13 10.97
C VAL N 69 -6.56 24.61 12.25
N VAL N 70 -6.46 23.30 12.40
CA VAL N 70 -5.84 22.65 13.60
C VAL N 70 -4.35 23.05 13.66
N ALA N 71 -3.64 22.99 12.53
CA ALA N 71 -2.22 23.37 12.43
C ALA N 71 -2.05 24.83 12.87
N LEU N 72 -2.88 25.74 12.35
CA LEU N 72 -2.83 27.19 12.68
C LEU N 72 -3.13 27.39 14.17
N ALA N 73 -4.08 26.63 14.72
CA ALA N 73 -4.45 26.65 16.16
C ALA N 73 -3.25 26.22 17.00
N LEU N 74 -2.57 25.14 16.59
CA LEU N 74 -1.39 24.58 17.30
C LEU N 74 -0.24 25.59 17.31
N LEU N 75 -0.12 26.41 16.26
CA LEU N 75 1.00 27.38 16.09
C LEU N 75 0.65 28.71 16.77
N PHE N 76 -0.55 29.26 16.55
CA PHE N 76 -0.87 30.69 16.81
C PHE N 76 -2.01 30.87 17.83
N ALA N 77 -2.63 29.79 18.29
CA ALA N 77 -3.70 29.83 19.32
C ALA N 77 -3.54 28.64 20.27
N ASN N 78 -2.28 28.30 20.58
CA ASN N 78 -1.91 27.09 21.37
C ASN N 78 -2.29 27.34 22.83
N PRO N 79 -3.16 26.49 23.42
CA PRO N 79 -3.64 26.69 24.78
C PRO N 79 -2.76 26.07 25.86
N PHE N 80 -1.68 25.39 25.48
CA PHE N 80 -0.80 24.60 26.39
C PHE N 80 0.58 25.24 26.53
N VAL N 81 1.02 25.99 25.51
CA VAL N 81 2.32 26.70 25.50
C VAL N 81 2.09 28.16 25.93
#